data_9DCM
#
_entry.id   9DCM
#
_cell.length_a   216.895
_cell.length_b   216.895
_cell.length_c   216.895
_cell.angle_alpha   90.00
_cell.angle_beta   90.00
_cell.angle_gamma   90.00
#
_symmetry.space_group_name_H-M   'P 41 3 2'
#
loop_
_entity.id
_entity.type
_entity.pdbx_description
1 polymer 'Sucrose-phosphate synthase-like protein'
2 non-polymer 'CALCIUM ION'
3 non-polymer "URIDINE-5'-DIPHOSPHATE"
#
_entity_poly.entity_id   1
_entity_poly.type   'polypeptide(L)'
_entity_poly.pdbx_seq_one_letter_code
;KEWLIFALGTNNWQGPGQFAPGSGILHQGQHIAMNSLEKCHCYSIWPSDLQKTPTDRDDYRVYEIPHPIPICESVGPQSS
KRWHSMTDEEVTSYCDNLLKECTDFIEYIEKKHGKRINLFLAHHCFMNPVIMSEINERRVAQGIPKVPLVVFAHGTALKM
YENEINKLPEFPMKYYDWIRGTKNIFESTGHVSGVFAVSAPQKNSFEKLFPLFPQERVAITPCGYNQLVFHRIQGMTREK
AFGHMPQALYDGFDATQLSPVQRHVASDQCIPDVNAYDRVVVFCGRFAHWKRIDSVLKAASRWEKEDKRILTLIFGAGSQ
ETRKLYVDMAYQTLGLKDTFFLGPQSQPDLANVYTVADVSVFPSHDEPFGLVFIECMGCGTPVIGAKSGGPLDFVNDEVG
ALVDEGTNDEVAERVYAAVKQALAEDWKKTKGAQCEQYALKKFSLASQAELMLEFVESHFTK
;
_entity_poly.pdbx_strand_id   B,C
#
loop_
_chem_comp.id
_chem_comp.type
_chem_comp.name
_chem_comp.formula
CA non-polymer 'CALCIUM ION' 'Ca 2'
UDP RNA linking URIDINE-5'-DIPHOSPHATE 'C9 H14 N2 O12 P2'
#
# COMPACT_ATOMS: atom_id res chain seq x y z
N LYS A 1 5.71 9.44 -17.08
CA LYS A 1 6.73 8.42 -17.37
C LYS A 1 6.41 7.45 -18.53
N GLU A 2 7.29 7.46 -19.55
CA GLU A 2 7.11 6.74 -20.81
C GLU A 2 8.05 5.55 -20.89
N TRP A 3 7.52 4.35 -21.08
CA TRP A 3 8.31 3.12 -20.97
C TRP A 3 8.58 2.50 -22.35
N LEU A 4 9.84 2.21 -22.65
CA LEU A 4 10.21 1.49 -23.87
C LEU A 4 10.95 0.21 -23.45
N ILE A 5 10.18 -0.82 -23.14
CA ILE A 5 10.69 -2.03 -22.50
C ILE A 5 11.18 -2.99 -23.56
N PHE A 6 12.35 -3.61 -23.32
CA PHE A 6 12.82 -4.76 -24.09
C PHE A 6 12.95 -5.95 -23.14
N ALA A 7 12.25 -7.03 -23.44
CA ALA A 7 12.12 -8.14 -22.51
C ALA A 7 12.63 -9.41 -23.16
N LEU A 8 13.52 -10.10 -22.48
CA LEU A 8 14.22 -11.26 -23.01
C LEU A 8 13.73 -12.49 -22.27
N GLY A 9 12.89 -13.29 -22.95
CA GLY A 9 12.31 -14.48 -22.35
C GLY A 9 13.23 -15.66 -22.40
N THR A 10 12.92 -16.67 -21.58
CA THR A 10 13.78 -17.84 -21.49
C THR A 10 13.18 -19.05 -22.19
N ASN A 11 11.88 -19.07 -22.40
CA ASN A 11 11.23 -20.20 -23.01
C ASN A 11 10.33 -19.78 -24.15
N ASN A 12 9.71 -20.77 -24.77
CA ASN A 12 8.80 -20.53 -25.88
C ASN A 12 7.42 -20.16 -25.35
N TRP A 13 6.76 -19.20 -26.03
CA TRP A 13 5.37 -18.86 -25.76
C TRP A 13 4.45 -19.96 -26.26
N GLN A 14 3.20 -19.89 -25.86
CA GLN A 14 2.23 -20.82 -26.42
C GLN A 14 2.03 -20.47 -27.89
N GLY A 15 1.82 -21.49 -28.71
CA GLY A 15 1.61 -21.25 -30.11
C GLY A 15 1.04 -22.44 -30.85
N PRO A 16 1.08 -22.37 -32.19
CA PRO A 16 0.87 -23.58 -33.00
C PRO A 16 1.93 -24.64 -32.72
N GLY A 17 1.45 -25.81 -32.25
CA GLY A 17 2.30 -26.96 -32.04
C GLY A 17 3.29 -26.83 -30.92
N GLN A 18 3.06 -25.89 -30.02
CA GLN A 18 3.92 -25.70 -28.87
C GLN A 18 3.03 -25.28 -27.71
N PHE A 19 3.11 -26.01 -26.62
CA PHE A 19 2.63 -25.53 -25.34
C PHE A 19 3.73 -24.71 -24.65
N ALA A 20 3.34 -24.02 -23.57
CA ALA A 20 4.29 -23.10 -22.95
C ALA A 20 4.81 -23.63 -21.61
N PRO A 21 6.09 -23.36 -21.27
CA PRO A 21 6.51 -23.60 -19.89
C PRO A 21 5.59 -22.84 -18.93
N GLY A 22 6.07 -22.60 -17.73
CA GLY A 22 5.35 -21.68 -16.88
C GLY A 22 5.93 -20.31 -17.14
N SER A 23 7.27 -20.22 -17.14
CA SER A 23 7.89 -18.93 -17.33
C SER A 23 7.61 -18.37 -18.71
N GLY A 24 7.22 -19.23 -19.63
CA GLY A 24 6.94 -18.80 -20.98
C GLY A 24 5.55 -18.26 -21.12
N ILE A 25 4.54 -19.02 -20.68
CA ILE A 25 3.17 -18.53 -20.74
C ILE A 25 3.02 -17.21 -19.98
N LEU A 26 3.94 -16.95 -19.05
CA LEU A 26 3.91 -15.71 -18.30
C LEU A 26 4.48 -14.56 -19.10
N HIS A 27 5.72 -14.70 -19.61
CA HIS A 27 6.35 -13.71 -20.48
C HIS A 27 5.34 -13.18 -21.47
N GLN A 28 4.55 -14.11 -22.03
CA GLN A 28 3.52 -13.80 -23.01
C GLN A 28 2.41 -12.92 -22.42
N GLY A 29 1.78 -13.40 -21.35
CA GLY A 29 0.78 -12.58 -20.67
C GLY A 29 1.32 -11.22 -20.26
N GLN A 30 2.60 -11.17 -19.85
CA GLN A 30 3.18 -9.90 -19.41
C GLN A 30 3.35 -8.96 -20.59
N HIS A 31 3.76 -9.55 -21.72
CA HIS A 31 3.98 -8.79 -22.96
C HIS A 31 2.72 -8.08 -23.39
N ILE A 32 1.60 -8.82 -23.37
CA ILE A 32 0.31 -8.22 -23.67
C ILE A 32 -0.02 -7.16 -22.64
N ALA A 33 0.10 -7.53 -21.38
CA ALA A 33 -0.23 -6.64 -20.27
C ALA A 33 0.50 -5.30 -20.39
N MET A 34 1.83 -5.34 -20.39
CA MET A 34 2.57 -4.09 -20.43
C MET A 34 2.21 -3.27 -21.66
N ASN A 35 1.89 -3.90 -22.78
CA ASN A 35 1.63 -3.14 -24.00
C ASN A 35 0.27 -2.47 -23.92
N SER A 36 -0.70 -3.14 -23.30
CA SER A 36 -2.01 -2.57 -23.03
C SER A 36 -1.98 -1.34 -22.12
N LEU A 37 -0.87 -1.03 -21.48
CA LEU A 37 -0.84 0.13 -20.59
C LEU A 37 -0.55 1.41 -21.38
N GLU A 38 -1.18 2.50 -20.93
CA GLU A 38 -0.89 3.81 -21.47
C GLU A 38 0.60 4.13 -21.24
N LYS A 39 1.23 4.79 -22.21
CA LYS A 39 2.65 5.15 -22.12
C LYS A 39 3.56 3.92 -21.98
N CYS A 40 3.25 2.84 -22.69
CA CYS A 40 4.03 1.63 -22.54
C CYS A 40 4.03 0.77 -23.80
N HIS A 41 5.23 0.57 -24.35
CA HIS A 41 5.50 -0.43 -25.37
C HIS A 41 6.57 -1.38 -24.86
N CYS A 42 6.30 -2.68 -24.93
CA CYS A 42 7.26 -3.70 -24.57
C CYS A 42 7.49 -4.59 -25.78
N TYR A 43 8.77 -4.86 -26.08
CA TYR A 43 9.15 -5.77 -27.15
C TYR A 43 9.80 -7.00 -26.53
N SER A 44 9.29 -8.17 -26.86
CA SER A 44 9.85 -9.42 -26.38
C SER A 44 10.55 -10.22 -27.47
N ILE A 45 11.50 -11.06 -27.03
CA ILE A 45 12.21 -12.00 -27.88
C ILE A 45 12.36 -13.29 -27.09
N TRP A 46 12.35 -14.38 -27.76
CA TRP A 46 12.17 -15.63 -27.02
C TRP A 46 12.27 -16.81 -27.96
N PRO A 47 12.90 -17.90 -27.56
CA PRO A 47 13.37 -18.88 -28.53
C PRO A 47 12.37 -20.01 -28.79
N SER A 48 12.53 -20.59 -29.99
CA SER A 48 11.79 -21.81 -30.28
C SER A 48 12.46 -22.57 -31.42
N ASP A 49 12.33 -23.89 -31.37
CA ASP A 49 12.76 -24.74 -32.47
C ASP A 49 11.58 -25.15 -33.36
N LEU A 50 10.36 -24.68 -33.04
CA LEU A 50 9.19 -24.86 -33.89
C LEU A 50 8.78 -23.57 -34.59
N GLN A 51 8.55 -22.53 -33.81
CA GLN A 51 7.89 -21.33 -34.25
C GLN A 51 8.87 -20.38 -34.92
N LYS A 52 8.32 -19.51 -35.75
CA LYS A 52 9.12 -18.60 -36.56
C LYS A 52 8.64 -17.20 -36.28
N THR A 53 9.58 -16.24 -36.24
CA THR A 53 9.19 -14.87 -35.93
C THR A 53 8.11 -14.43 -36.93
N PRO A 54 7.18 -13.57 -36.50
CA PRO A 54 6.03 -13.27 -37.36
C PRO A 54 6.37 -12.28 -38.46
N THR A 55 5.55 -12.34 -39.51
CA THR A 55 5.64 -11.49 -40.68
C THR A 55 4.73 -10.29 -40.63
N ASP A 56 3.69 -10.32 -39.79
CA ASP A 56 2.67 -9.29 -39.80
C ASP A 56 2.63 -8.45 -38.53
N ARG A 57 3.73 -8.41 -37.79
CA ARG A 57 3.79 -7.65 -36.54
C ARG A 57 5.22 -7.59 -36.06
N ASP A 58 5.54 -6.55 -35.29
CA ASP A 58 6.93 -6.34 -34.87
C ASP A 58 7.13 -6.31 -33.37
N ASP A 59 6.08 -6.50 -32.57
CA ASP A 59 6.21 -6.37 -31.11
C ASP A 59 7.09 -7.48 -30.52
N TYR A 60 7.17 -8.65 -31.18
CA TYR A 60 8.09 -9.68 -30.75
C TYR A 60 8.79 -10.37 -31.93
N ARG A 61 9.87 -11.08 -31.59
CA ARG A 61 10.62 -11.93 -32.50
C ARG A 61 10.90 -13.25 -31.82
N VAL A 62 11.07 -14.30 -32.62
CA VAL A 62 11.52 -15.60 -32.12
C VAL A 62 13.02 -15.73 -32.37
N TYR A 63 13.71 -16.38 -31.43
CA TYR A 63 15.09 -16.81 -31.61
C TYR A 63 15.02 -18.23 -32.11
N GLU A 64 15.11 -18.38 -33.42
CA GLU A 64 14.97 -19.67 -34.06
C GLU A 64 16.22 -20.46 -33.79
N ILE A 65 16.05 -21.65 -33.22
CA ILE A 65 17.15 -22.57 -32.90
C ILE A 65 16.80 -23.94 -33.47
N PRO A 66 17.85 -24.79 -33.72
CA PRO A 66 17.59 -26.13 -34.28
C PRO A 66 17.24 -27.19 -33.23
N HIS A 67 17.88 -27.08 -32.07
CA HIS A 67 17.65 -27.97 -30.95
C HIS A 67 16.57 -27.45 -30.02
N PRO A 68 15.94 -28.33 -29.25
CA PRO A 68 15.07 -27.82 -28.17
C PRO A 68 15.79 -26.77 -27.34
N ILE A 69 15.01 -25.93 -26.66
CA ILE A 69 15.57 -24.95 -25.74
C ILE A 69 16.33 -25.69 -24.65
N PRO A 70 17.55 -25.24 -24.30
CA PRO A 70 18.22 -25.75 -23.09
C PRO A 70 17.34 -25.74 -21.83
N ILE A 71 17.80 -26.44 -20.81
CA ILE A 71 17.09 -26.56 -19.53
C ILE A 71 18.15 -26.34 -18.46
N CYS A 72 17.69 -25.97 -17.27
CA CYS A 72 18.55 -25.88 -16.09
C CYS A 72 18.37 -27.09 -15.16
N GLU A 73 17.18 -27.69 -15.10
CA GLU A 73 17.00 -29.11 -14.77
C GLU A 73 15.63 -29.65 -15.21
N SER A 80 14.45 -30.56 -23.31
CA SER A 80 15.22 -31.73 -22.87
C SER A 80 16.74 -31.50 -22.73
N LYS A 81 17.32 -30.72 -23.64
CA LYS A 81 18.77 -30.49 -23.63
C LYS A 81 19.20 -29.84 -22.32
N ARG A 82 20.12 -30.48 -21.59
CA ARG A 82 20.62 -29.86 -20.36
C ARG A 82 21.70 -28.82 -20.69
N TRP A 83 21.91 -27.89 -19.76
CA TRP A 83 22.82 -26.77 -20.02
C TRP A 83 24.27 -27.14 -19.80
N HIS A 84 24.54 -28.09 -18.92
CA HIS A 84 25.90 -28.57 -18.77
C HIS A 84 26.23 -29.60 -19.84
N SER A 85 25.21 -30.27 -20.39
CA SER A 85 25.38 -31.38 -21.32
C SER A 85 25.93 -30.95 -22.67
N MET A 86 25.84 -29.68 -23.01
CA MET A 86 26.30 -29.20 -24.31
C MET A 86 27.74 -28.72 -24.21
N THR A 87 28.42 -28.75 -25.35
CA THR A 87 29.83 -28.42 -25.36
C THR A 87 30.04 -27.01 -24.83
N ASP A 88 31.28 -26.67 -24.51
CA ASP A 88 31.57 -25.27 -24.22
C ASP A 88 31.34 -24.42 -25.46
N GLU A 89 31.73 -24.94 -26.64
CA GLU A 89 31.58 -24.19 -27.88
C GLU A 89 30.10 -24.06 -28.30
N GLU A 90 29.27 -25.10 -28.03
CA GLU A 90 27.82 -25.01 -28.22
C GLU A 90 27.21 -23.84 -27.43
N VAL A 91 27.57 -23.75 -26.15
CA VAL A 91 27.00 -22.72 -25.28
C VAL A 91 27.41 -21.33 -25.74
N THR A 92 28.71 -21.05 -25.80
CA THR A 92 29.14 -19.72 -26.19
C THR A 92 28.39 -19.18 -27.40
N SER A 93 28.14 -20.04 -28.38
CA SER A 93 27.46 -19.60 -29.60
C SER A 93 26.00 -19.34 -29.30
N TYR A 94 25.30 -20.35 -28.79
CA TYR A 94 23.91 -20.17 -28.40
C TYR A 94 23.64 -18.85 -27.69
N CYS A 95 24.61 -18.34 -26.95
CA CYS A 95 24.46 -17.07 -26.27
C CYS A 95 24.93 -15.90 -27.11
N ASP A 96 25.96 -16.05 -27.94
CA ASP A 96 26.41 -14.92 -28.76
C ASP A 96 25.54 -14.75 -30.00
N ASN A 97 24.86 -15.82 -30.45
CA ASN A 97 23.84 -15.67 -31.49
C ASN A 97 22.67 -14.87 -30.96
N LEU A 98 22.06 -15.37 -29.86
CA LEU A 98 21.05 -14.61 -29.14
C LEU A 98 21.47 -13.17 -28.89
N LEU A 99 22.72 -12.94 -28.45
CA LEU A 99 23.15 -11.57 -28.20
C LEU A 99 22.95 -10.70 -29.44
N LYS A 100 23.37 -11.22 -30.61
CA LYS A 100 23.29 -10.45 -31.85
C LYS A 100 21.83 -10.23 -32.25
N GLU A 101 20.98 -11.25 -32.13
CA GLU A 101 19.56 -11.07 -32.40
C GLU A 101 18.97 -9.95 -31.52
N CYS A 102 19.22 -10.02 -30.20
CA CYS A 102 18.75 -8.96 -29.32
C CYS A 102 19.27 -7.60 -29.74
N THR A 103 20.58 -7.49 -30.05
CA THR A 103 21.13 -6.16 -30.34
C THR A 103 20.61 -5.61 -31.66
N ASP A 104 20.35 -6.49 -32.63
CA ASP A 104 19.67 -6.05 -33.86
C ASP A 104 18.26 -5.56 -33.52
N PHE A 105 17.44 -6.46 -32.95
CA PHE A 105 16.13 -6.08 -32.43
C PHE A 105 16.13 -4.72 -31.72
N ILE A 106 17.11 -4.49 -30.84
CA ILE A 106 17.13 -3.26 -30.06
C ILE A 106 17.36 -2.05 -30.95
N GLU A 107 18.32 -2.14 -31.89
CA GLU A 107 18.50 -1.04 -32.83
C GLU A 107 17.24 -0.82 -33.66
N TYR A 108 16.62 -1.91 -34.09
CA TYR A 108 15.34 -1.80 -34.78
C TYR A 108 14.38 -0.94 -33.96
N ILE A 109 14.29 -1.26 -32.66
CA ILE A 109 13.37 -0.59 -31.75
C ILE A 109 13.80 0.84 -31.55
N GLU A 110 15.08 1.05 -31.26
CA GLU A 110 15.50 2.40 -30.90
C GLU A 110 15.42 3.32 -32.12
N LYS A 111 15.83 2.82 -33.30
CA LYS A 111 15.61 3.56 -34.55
C LYS A 111 14.12 3.80 -34.78
N LYS A 112 13.30 2.78 -34.51
CA LYS A 112 11.86 2.92 -34.76
C LYS A 112 11.26 4.09 -34.00
N HIS A 113 11.62 4.21 -32.72
CA HIS A 113 10.98 5.12 -31.78
C HIS A 113 11.69 6.46 -31.65
N GLY A 114 12.82 6.65 -32.32
CA GLY A 114 13.59 7.86 -32.10
C GLY A 114 13.93 8.09 -30.64
N LYS A 115 14.30 7.03 -29.93
CA LYS A 115 14.39 7.07 -28.47
C LYS A 115 15.14 5.82 -27.99
N ARG A 116 15.76 5.93 -26.82
CA ARG A 116 16.52 4.81 -26.27
C ARG A 116 15.61 3.94 -25.40
N ILE A 117 15.77 2.61 -25.52
CA ILE A 117 15.14 1.71 -24.58
C ILE A 117 15.54 2.10 -23.17
N ASN A 118 14.56 2.23 -22.29
CA ASN A 118 14.82 2.59 -20.90
C ASN A 118 14.45 1.50 -19.90
N LEU A 119 14.35 0.24 -20.35
CA LEU A 119 14.20 -0.87 -19.43
C LEU A 119 14.40 -2.25 -20.07
N PHE A 120 15.30 -3.04 -19.50
CA PHE A 120 15.59 -4.40 -19.94
C PHE A 120 14.98 -5.39 -18.94
N LEU A 121 14.17 -6.32 -19.41
CA LEU A 121 13.79 -7.46 -18.60
C LEU A 121 14.54 -8.65 -19.15
N ALA A 122 14.72 -9.66 -18.28
CA ALA A 122 15.58 -10.81 -18.50
C ALA A 122 15.01 -11.86 -17.56
N HIS A 123 14.88 -13.10 -18.02
CA HIS A 123 13.86 -13.93 -17.42
C HIS A 123 14.29 -15.08 -16.53
N HIS A 124 15.54 -15.50 -16.55
CA HIS A 124 15.88 -16.25 -15.35
C HIS A 124 17.21 -15.66 -14.88
N CYS A 125 17.85 -16.24 -13.85
CA CYS A 125 19.07 -15.70 -13.26
C CYS A 125 20.33 -16.19 -13.98
N PHE A 126 20.26 -16.47 -15.28
CA PHE A 126 21.29 -17.19 -16.00
C PHE A 126 21.25 -16.79 -17.46
N MET A 127 22.35 -16.21 -17.93
CA MET A 127 22.61 -16.07 -19.36
C MET A 127 21.79 -14.95 -20.01
N ASN A 128 20.45 -15.00 -19.90
CA ASN A 128 19.63 -13.85 -20.25
C ASN A 128 20.09 -12.58 -19.54
N PRO A 129 20.38 -12.61 -18.23
CA PRO A 129 20.98 -11.42 -17.60
C PRO A 129 22.40 -11.14 -18.10
N VAL A 130 23.21 -12.19 -18.29
CA VAL A 130 24.58 -11.98 -18.72
C VAL A 130 24.62 -11.27 -20.08
N ILE A 131 23.71 -11.69 -20.98
CA ILE A 131 23.61 -11.10 -22.32
C ILE A 131 23.30 -9.61 -22.21
N MET A 132 22.14 -9.29 -21.58
CA MET A 132 21.69 -7.91 -21.44
C MET A 132 22.75 -7.08 -20.71
N SER A 133 23.41 -7.71 -19.74
CA SER A 133 24.49 -7.06 -18.99
C SER A 133 25.67 -6.73 -19.89
N GLU A 134 25.97 -7.63 -20.86
CA GLU A 134 27.02 -7.41 -21.83
C GLU A 134 26.62 -6.38 -22.88
N ILE A 135 25.41 -6.53 -23.45
CA ILE A 135 24.87 -5.49 -24.35
C ILE A 135 25.02 -4.12 -23.70
N ASN A 136 24.83 -4.06 -22.37
CA ASN A 136 24.77 -2.80 -21.66
C ASN A 136 26.15 -2.18 -21.51
N GLU A 137 27.14 -2.99 -21.21
CA GLU A 137 28.50 -2.48 -21.17
C GLU A 137 28.85 -1.82 -22.49
N ARG A 138 28.54 -2.49 -23.61
CA ARG A 138 28.91 -1.94 -24.91
C ARG A 138 28.12 -0.68 -25.25
N ARG A 139 26.83 -0.64 -24.86
CA ARG A 139 26.04 0.58 -25.09
C ARG A 139 26.73 1.79 -24.46
N VAL A 140 27.55 1.55 -23.43
CA VAL A 140 28.34 2.61 -22.80
C VAL A 140 29.63 2.87 -23.57
N ALA A 141 30.26 1.81 -24.09
CA ALA A 141 31.42 1.92 -24.96
C ALA A 141 31.28 3.01 -26.04
N GLN A 142 30.04 3.38 -26.40
CA GLN A 142 29.80 4.36 -27.46
C GLN A 142 29.27 5.70 -26.95
N GLY A 143 29.10 5.84 -25.64
CA GLY A 143 28.61 7.08 -25.06
C GLY A 143 27.11 7.17 -24.95
N ILE A 144 26.40 6.04 -24.99
CA ILE A 144 24.94 5.98 -24.93
C ILE A 144 24.55 5.29 -23.63
N PRO A 145 23.73 5.90 -22.77
CA PRO A 145 23.53 5.36 -21.42
C PRO A 145 23.26 3.86 -21.41
N LYS A 146 23.84 3.18 -20.42
CA LYS A 146 23.37 1.83 -20.13
C LYS A 146 21.95 1.95 -19.60
N VAL A 147 21.16 0.94 -19.87
CA VAL A 147 19.72 0.94 -19.63
C VAL A 147 19.44 -0.02 -18.48
N PRO A 148 18.64 0.38 -17.48
CA PRO A 148 18.53 -0.42 -16.25
C PRO A 148 17.93 -1.79 -16.47
N LEU A 149 18.53 -2.79 -15.84
CA LEU A 149 18.19 -4.18 -16.12
C LEU A 149 17.63 -4.82 -14.88
N VAL A 150 16.43 -5.39 -15.01
CA VAL A 150 15.75 -6.09 -13.93
C VAL A 150 15.61 -7.55 -14.35
N VAL A 151 15.64 -8.42 -13.37
CA VAL A 151 15.66 -9.86 -13.59
C VAL A 151 14.47 -10.48 -12.89
N PHE A 152 13.89 -11.50 -13.50
CA PHE A 152 12.88 -12.35 -12.85
C PHE A 152 13.56 -13.63 -12.39
N ALA A 153 13.46 -13.92 -11.11
CA ALA A 153 14.00 -15.16 -10.54
C ALA A 153 12.79 -16.07 -10.31
N HIS A 154 12.48 -16.87 -11.33
CA HIS A 154 11.41 -17.83 -11.20
C HIS A 154 11.86 -19.04 -10.40
N GLY A 155 13.13 -19.40 -10.52
CA GLY A 155 13.68 -20.49 -9.76
C GLY A 155 14.60 -21.41 -10.55
N THR A 156 14.16 -21.82 -11.75
CA THR A 156 14.75 -22.98 -12.38
C THR A 156 16.27 -22.86 -12.43
N ALA A 157 16.77 -21.64 -12.72
CA ALA A 157 18.20 -21.41 -12.86
C ALA A 157 18.94 -21.35 -11.54
N LEU A 158 18.23 -21.27 -10.41
CA LEU A 158 18.89 -21.21 -9.11
C LEU A 158 19.08 -22.61 -8.55
N LYS A 159 18.09 -23.49 -8.73
CA LYS A 159 18.30 -24.89 -8.38
C LYS A 159 19.44 -25.49 -9.18
N MET A 160 19.72 -24.92 -10.36
CA MET A 160 20.93 -25.25 -11.10
C MET A 160 22.16 -24.82 -10.34
N TYR A 161 22.17 -23.57 -9.86
CA TYR A 161 23.32 -23.07 -9.12
C TYR A 161 23.51 -23.80 -7.80
N GLU A 162 22.44 -24.35 -7.22
CA GLU A 162 22.53 -25.01 -5.93
C GLU A 162 23.08 -26.42 -6.05
N ASN A 163 22.75 -27.12 -7.13
CA ASN A 163 23.35 -28.43 -7.37
C ASN A 163 24.83 -28.30 -7.72
N GLU A 164 25.20 -27.31 -8.54
CA GLU A 164 26.61 -27.05 -8.78
C GLU A 164 27.38 -26.92 -7.46
N ILE A 165 26.82 -26.13 -6.54
CA ILE A 165 27.47 -25.91 -5.24
C ILE A 165 27.38 -27.16 -4.39
N ASN A 166 26.21 -27.81 -4.39
CA ASN A 166 26.03 -29.09 -3.70
C ASN A 166 26.76 -30.22 -4.40
N LYS A 167 27.83 -29.90 -5.15
CA LYS A 167 28.54 -30.86 -5.99
C LYS A 167 27.69 -32.08 -6.34
N LEU A 168 26.45 -31.88 -6.81
CA LEU A 168 25.52 -32.95 -7.16
C LEU A 168 26.07 -33.76 -8.33
N PRO A 169 25.35 -34.80 -8.80
CA PRO A 169 25.94 -35.66 -9.85
C PRO A 169 25.99 -34.95 -11.18
N GLU A 170 24.87 -34.93 -11.92
CA GLU A 170 24.93 -34.41 -13.28
C GLU A 170 25.27 -32.93 -13.35
N PHE A 171 25.53 -32.26 -12.23
CA PHE A 171 25.68 -30.80 -12.18
C PHE A 171 27.10 -30.45 -11.74
N PRO A 172 28.09 -30.79 -12.54
CA PRO A 172 29.46 -30.30 -12.28
C PRO A 172 29.51 -28.79 -12.20
N MET A 173 30.58 -28.28 -11.59
CA MET A 173 30.71 -26.84 -11.40
C MET A 173 31.27 -26.20 -12.67
N LYS A 174 30.42 -25.46 -13.39
CA LYS A 174 30.83 -24.70 -14.56
C LYS A 174 30.41 -23.23 -14.41
N TYR A 175 29.15 -22.95 -14.04
CA TYR A 175 28.62 -21.60 -14.21
C TYR A 175 28.55 -20.77 -12.94
N TYR A 176 28.19 -21.36 -11.79
CA TYR A 176 27.93 -20.52 -10.61
C TYR A 176 29.09 -19.57 -10.32
N ASP A 177 30.31 -20.10 -10.30
CA ASP A 177 31.46 -19.24 -10.00
C ASP A 177 31.87 -18.39 -11.20
N TRP A 178 31.16 -18.53 -12.33
CA TRP A 178 31.43 -17.72 -13.53
C TRP A 178 30.54 -16.46 -13.54
N ILE A 179 29.22 -16.65 -13.45
CA ILE A 179 28.32 -15.51 -13.32
C ILE A 179 28.69 -14.68 -12.11
N ARG A 180 29.41 -15.28 -11.17
CA ARG A 180 29.79 -14.63 -9.93
C ARG A 180 31.21 -14.06 -9.97
N GLY A 181 32.23 -14.92 -10.09
CA GLY A 181 33.61 -14.46 -10.10
C GLY A 181 34.16 -13.87 -11.40
N THR A 182 33.74 -14.42 -12.53
CA THR A 182 34.21 -14.01 -13.85
C THR A 182 33.44 -12.82 -14.42
N LYS A 183 32.09 -12.89 -14.40
CA LYS A 183 31.22 -11.88 -15.02
C LYS A 183 30.75 -10.82 -14.03
N ASN A 184 30.40 -11.23 -12.80
CA ASN A 184 30.07 -10.34 -11.70
C ASN A 184 28.66 -9.74 -11.78
N ILE A 185 27.64 -10.58 -12.01
CA ILE A 185 26.33 -10.07 -12.39
C ILE A 185 25.59 -9.54 -11.16
N PHE A 186 25.54 -10.36 -10.12
CA PHE A 186 24.81 -10.06 -8.89
C PHE A 186 25.79 -9.78 -7.75
N GLU A 187 26.92 -9.17 -8.08
CA GLU A 187 27.92 -8.80 -7.11
C GLU A 187 27.92 -7.30 -6.86
N SER A 188 26.89 -6.62 -7.35
CA SER A 188 26.74 -5.18 -7.19
C SER A 188 25.60 -4.68 -8.07
N THR A 189 25.27 -3.42 -7.92
CA THR A 189 24.21 -2.81 -8.70
C THR A 189 24.74 -2.26 -10.00
N GLY A 190 25.98 -2.60 -10.34
CA GLY A 190 26.54 -2.08 -11.57
C GLY A 190 26.10 -2.82 -12.79
N HIS A 191 25.60 -4.05 -12.62
CA HIS A 191 25.12 -4.87 -13.71
C HIS A 191 23.62 -5.09 -13.70
N VAL A 192 23.06 -5.49 -12.57
CA VAL A 192 21.62 -5.75 -12.44
C VAL A 192 21.02 -4.73 -11.49
N SER A 193 20.15 -3.86 -11.99
CA SER A 193 19.58 -2.83 -11.13
C SER A 193 18.54 -3.35 -10.14
N GLY A 194 18.02 -4.56 -10.30
CA GLY A 194 16.94 -5.03 -9.45
C GLY A 194 16.50 -6.44 -9.84
N VAL A 195 15.72 -7.06 -8.96
CA VAL A 195 15.40 -8.47 -9.10
C VAL A 195 14.06 -8.74 -8.45
N PHE A 196 13.23 -9.50 -9.14
CA PHE A 196 11.91 -9.87 -8.65
C PHE A 196 11.89 -11.36 -8.41
N ALA A 197 11.45 -11.75 -7.23
CA ALA A 197 11.13 -13.13 -6.90
C ALA A 197 9.62 -13.27 -6.77
N VAL A 198 9.14 -14.51 -6.84
CA VAL A 198 7.70 -14.72 -6.74
C VAL A 198 7.25 -14.94 -5.30
N SER A 199 8.15 -15.43 -4.43
CA SER A 199 7.85 -15.80 -3.05
C SER A 199 9.11 -15.71 -2.21
N ALA A 200 8.95 -15.48 -0.91
CA ALA A 200 10.12 -15.30 -0.05
C ALA A 200 11.04 -16.52 0.03
N PRO A 201 10.55 -17.75 -0.10
CA PRO A 201 11.43 -18.87 -0.52
C PRO A 201 12.45 -18.46 -1.57
N GLN A 202 11.95 -18.03 -2.72
CA GLN A 202 12.83 -17.61 -3.81
C GLN A 202 13.61 -16.35 -3.43
N LYS A 203 12.99 -15.41 -2.70
CA LYS A 203 13.74 -14.21 -2.31
C LYS A 203 14.98 -14.58 -1.50
N ASN A 204 14.92 -15.66 -0.74
CA ASN A 204 16.05 -16.07 0.08
C ASN A 204 17.00 -16.99 -0.68
N SER A 205 16.46 -18.00 -1.37
CA SER A 205 17.25 -18.85 -2.27
C SER A 205 18.23 -17.99 -3.07
N PHE A 206 17.76 -16.83 -3.57
CA PHE A 206 18.61 -15.92 -4.33
C PHE A 206 19.58 -15.17 -3.42
N GLU A 207 19.09 -14.75 -2.24
CA GLU A 207 19.84 -13.83 -1.39
C GLU A 207 21.03 -14.50 -0.78
N LYS A 208 20.90 -15.79 -0.46
CA LYS A 208 22.08 -16.58 -0.07
C LYS A 208 23.05 -16.75 -1.24
N LEU A 209 22.54 -17.04 -2.44
CA LEU A 209 23.43 -17.30 -3.57
C LEU A 209 24.23 -16.06 -3.96
N PHE A 210 23.62 -14.87 -3.98
CA PHE A 210 24.29 -13.67 -4.50
C PHE A 210 24.26 -12.56 -3.46
N PRO A 211 25.05 -12.71 -2.39
CA PRO A 211 24.84 -11.86 -1.23
C PRO A 211 25.45 -10.49 -1.35
N LEU A 212 26.44 -10.31 -2.21
CA LEU A 212 26.87 -8.93 -2.42
C LEU A 212 25.81 -8.14 -3.29
N PHE A 213 24.69 -8.75 -3.52
CA PHE A 213 23.55 -8.06 -4.16
C PHE A 213 22.64 -7.48 -3.09
N PRO A 214 22.38 -6.19 -3.09
CA PRO A 214 21.58 -5.56 -2.03
C PRO A 214 20.21 -6.19 -1.86
N GLN A 215 19.90 -6.61 -0.61
CA GLN A 215 18.58 -7.16 -0.35
C GLN A 215 17.48 -6.13 -0.58
N GLU A 216 17.86 -4.84 -0.51
CA GLU A 216 17.01 -3.70 -0.78
C GLU A 216 16.61 -3.62 -2.24
N ARG A 217 17.28 -4.40 -3.11
CA ARG A 217 17.07 -4.42 -4.56
C ARG A 217 16.58 -5.78 -5.04
N VAL A 218 16.16 -6.64 -4.13
CA VAL A 218 15.51 -7.93 -4.42
C VAL A 218 14.14 -7.85 -3.78
N ALA A 219 13.10 -7.85 -4.59
CA ALA A 219 11.73 -7.62 -4.16
C ALA A 219 10.85 -8.84 -4.46
N ILE A 220 9.57 -8.76 -4.14
CA ILE A 220 8.59 -9.76 -4.53
C ILE A 220 7.65 -9.15 -5.57
N THR A 221 7.44 -9.87 -6.68
CA THR A 221 6.62 -9.33 -7.75
C THR A 221 5.27 -8.88 -7.19
N PRO A 222 4.81 -7.67 -7.52
CA PRO A 222 3.44 -7.31 -7.12
C PRO A 222 2.50 -8.45 -7.48
N CYS A 223 1.49 -8.69 -6.64
CA CYS A 223 0.75 -9.93 -6.76
C CYS A 223 -0.28 -9.86 -7.87
N GLY A 224 -0.23 -10.83 -8.76
CA GLY A 224 -1.23 -11.01 -9.78
C GLY A 224 -1.47 -12.50 -9.96
N TYR A 225 -2.37 -12.82 -10.85
CA TYR A 225 -2.49 -14.19 -11.34
C TYR A 225 -2.45 -14.12 -12.85
N ASN A 226 -2.26 -15.25 -13.48
CA ASN A 226 -2.08 -15.25 -14.93
C ASN A 226 -3.40 -15.64 -15.58
N GLN A 227 -4.23 -14.65 -15.93
CA GLN A 227 -5.57 -14.96 -16.41
C GLN A 227 -5.57 -15.75 -17.73
N LEU A 228 -4.43 -15.83 -18.42
CA LEU A 228 -4.34 -16.75 -19.56
C LEU A 228 -4.55 -18.19 -19.07
N VAL A 229 -3.84 -18.56 -18.01
CA VAL A 229 -3.96 -19.91 -17.45
C VAL A 229 -5.27 -20.06 -16.70
N PHE A 230 -5.53 -19.13 -15.78
CA PHE A 230 -6.57 -19.27 -14.77
C PHE A 230 -7.80 -18.50 -15.23
N HIS A 231 -8.75 -19.26 -15.75
CA HIS A 231 -10.00 -18.68 -16.23
C HIS A 231 -11.00 -19.82 -16.23
N ARG A 232 -12.28 -19.44 -16.29
CA ARG A 232 -13.37 -20.39 -16.45
C ARG A 232 -13.09 -21.26 -17.67
N ILE A 233 -12.92 -22.55 -17.46
CA ILE A 233 -12.46 -23.42 -18.56
C ILE A 233 -13.69 -24.03 -19.21
N GLN A 234 -13.87 -23.78 -20.50
CA GLN A 234 -15.13 -24.12 -21.14
C GLN A 234 -15.33 -25.63 -21.20
N GLY A 235 -16.56 -26.05 -20.86
CA GLY A 235 -17.00 -27.42 -21.00
C GLY A 235 -16.16 -28.43 -20.26
N MET A 236 -15.62 -28.07 -19.12
CA MET A 236 -14.85 -29.01 -18.32
C MET A 236 -15.78 -29.90 -17.50
N THR A 237 -15.39 -31.18 -17.36
CA THR A 237 -16.12 -32.14 -16.53
C THR A 237 -15.31 -32.44 -15.28
N ARG A 238 -15.99 -33.01 -14.28
CA ARG A 238 -15.28 -33.65 -13.18
C ARG A 238 -14.21 -34.59 -13.71
N GLU A 239 -14.61 -35.51 -14.58
CA GLU A 239 -13.70 -36.54 -15.07
C GLU A 239 -12.63 -35.94 -15.98
N LYS A 240 -13.01 -35.04 -16.88
CA LYS A 240 -11.99 -34.44 -17.74
C LYS A 240 -10.90 -33.78 -16.89
N ALA A 241 -11.28 -33.12 -15.78
CA ALA A 241 -10.38 -32.23 -15.03
C ALA A 241 -9.48 -32.95 -14.03
N PHE A 242 -10.02 -33.99 -13.35
CA PHE A 242 -9.25 -34.71 -12.34
C PHE A 242 -9.67 -36.17 -12.17
N GLY A 243 -10.53 -36.72 -13.03
CA GLY A 243 -10.85 -38.16 -12.94
C GLY A 243 -9.65 -39.06 -13.15
N HIS A 244 -8.76 -38.70 -14.08
CA HIS A 244 -7.54 -39.45 -14.35
C HIS A 244 -6.35 -38.94 -13.56
N MET A 245 -6.57 -38.25 -12.44
CA MET A 245 -5.45 -37.85 -11.59
C MET A 245 -5.20 -38.94 -10.57
N PRO A 246 -3.99 -39.51 -10.54
CA PRO A 246 -3.70 -40.60 -9.61
C PRO A 246 -3.39 -40.11 -8.20
N GLN A 247 -3.87 -40.85 -7.19
CA GLN A 247 -3.58 -40.49 -5.81
C GLN A 247 -2.07 -40.41 -5.56
N ALA A 248 -1.73 -39.75 -4.42
CA ALA A 248 -0.35 -39.50 -4.06
C ALA A 248 -0.05 -40.24 -2.78
N LEU A 249 -0.32 -39.70 -1.58
CA LEU A 249 0.07 -40.35 -0.34
C LEU A 249 1.59 -40.30 -0.28
N TYR A 250 2.25 -41.37 0.14
CA TYR A 250 3.70 -41.32 0.32
C TYR A 250 4.33 -42.68 0.06
N ASP A 251 5.61 -42.67 -0.34
CA ASP A 251 6.40 -43.89 -0.50
C ASP A 251 6.37 -44.70 0.80
N GLY A 252 5.93 -45.95 0.69
CA GLY A 252 5.72 -46.77 1.86
C GLY A 252 4.31 -46.77 2.42
N PHE A 253 3.35 -46.22 1.69
CA PHE A 253 1.98 -46.12 2.21
C PHE A 253 1.39 -47.52 2.28
N ASP A 254 1.19 -48.01 3.49
CA ASP A 254 0.59 -49.34 3.65
C ASP A 254 -0.92 -49.26 3.45
N ALA A 255 -1.37 -49.47 2.21
CA ALA A 255 -2.80 -49.45 1.90
C ALA A 255 -3.60 -50.46 2.73
N THR A 256 -2.92 -51.35 3.47
CA THR A 256 -3.57 -52.48 4.11
C THR A 256 -4.20 -52.14 5.45
N GLN A 257 -3.72 -51.07 6.13
CA GLN A 257 -4.31 -50.62 7.38
C GLN A 257 -5.63 -49.89 7.16
N LEU A 258 -5.91 -49.49 5.91
CA LEU A 258 -7.18 -48.88 5.58
C LEU A 258 -8.33 -49.80 5.97
N SER A 259 -9.33 -49.25 6.66
CA SER A 259 -10.51 -50.05 6.98
C SER A 259 -11.16 -50.47 5.66
N PRO A 260 -12.34 -51.12 5.69
CA PRO A 260 -13.05 -51.38 4.42
C PRO A 260 -13.54 -50.11 3.74
N VAL A 261 -14.41 -49.36 4.43
CA VAL A 261 -15.04 -48.18 3.82
C VAL A 261 -13.99 -47.29 3.13
N GLN A 262 -12.75 -47.35 3.59
CA GLN A 262 -11.66 -46.60 2.98
C GLN A 262 -10.99 -47.36 1.83
N ARG A 263 -11.65 -48.39 1.29
CA ARG A 263 -11.03 -49.17 0.22
C ARG A 263 -10.62 -48.26 -0.94
N HIS A 264 -11.40 -47.20 -1.15
CA HIS A 264 -11.21 -46.27 -2.26
C HIS A 264 -9.82 -45.67 -2.33
N VAL A 265 -9.11 -45.59 -1.19
CA VAL A 265 -7.79 -44.98 -1.11
C VAL A 265 -6.71 -46.00 -1.48
N ALA A 266 -5.73 -45.58 -2.26
CA ALA A 266 -4.68 -46.45 -2.74
C ALA A 266 -3.67 -45.59 -3.51
N SER A 267 -2.38 -45.96 -3.42
CA SER A 267 -1.41 -45.17 -4.17
C SER A 267 -1.66 -45.28 -5.68
N ASP A 268 -1.00 -44.40 -6.43
CA ASP A 268 -1.09 -44.30 -7.88
C ASP A 268 -2.39 -44.76 -8.53
N GLN A 269 -3.50 -44.61 -7.81
CA GLN A 269 -4.83 -45.00 -8.25
C GLN A 269 -5.80 -43.82 -8.29
N CYS A 270 -6.42 -43.61 -9.45
CA CYS A 270 -7.40 -42.55 -9.58
C CYS A 270 -8.58 -42.73 -8.62
N ILE A 271 -9.37 -41.67 -8.50
CA ILE A 271 -10.59 -41.77 -7.70
C ILE A 271 -11.66 -42.47 -8.54
N PRO A 272 -12.31 -43.50 -8.01
CA PRO A 272 -13.47 -44.06 -8.70
C PRO A 272 -14.66 -43.13 -8.69
N ASP A 273 -15.35 -43.09 -9.83
CA ASP A 273 -16.72 -42.57 -9.85
C ASP A 273 -16.77 -41.10 -9.45
N VAL A 274 -16.00 -40.26 -10.16
CA VAL A 274 -15.99 -38.85 -9.80
C VAL A 274 -17.41 -38.31 -9.81
N ASN A 275 -18.22 -38.69 -10.82
CA ASN A 275 -19.53 -38.06 -10.93
C ASN A 275 -20.47 -38.48 -9.80
N ALA A 276 -20.03 -39.40 -8.92
CA ALA A 276 -20.90 -40.00 -7.91
C ALA A 276 -21.08 -39.10 -6.70
N TYR A 277 -20.09 -38.27 -6.43
CA TYR A 277 -20.11 -37.36 -5.29
C TYR A 277 -20.97 -36.16 -5.60
N ASP A 278 -21.71 -35.70 -4.59
CA ASP A 278 -22.65 -34.62 -4.81
C ASP A 278 -21.94 -33.30 -5.08
N ARG A 279 -20.97 -32.94 -4.24
CA ARG A 279 -20.25 -31.67 -4.37
C ARG A 279 -18.75 -31.92 -4.21
N VAL A 280 -17.97 -30.93 -4.61
CA VAL A 280 -16.51 -31.04 -4.60
C VAL A 280 -15.94 -29.85 -3.84
N VAL A 281 -14.89 -30.10 -3.05
CA VAL A 281 -14.28 -29.10 -2.16
C VAL A 281 -12.78 -29.24 -2.27
N VAL A 282 -12.09 -28.15 -2.56
CA VAL A 282 -10.69 -28.20 -2.95
C VAL A 282 -9.82 -27.40 -1.99
N PHE A 283 -8.65 -27.97 -1.67
CA PHE A 283 -7.52 -27.28 -1.07
C PHE A 283 -6.38 -27.35 -2.07
N CYS A 284 -5.53 -26.32 -2.08
CA CYS A 284 -4.30 -26.36 -2.85
C CYS A 284 -3.26 -25.51 -2.12
N GLY A 285 -2.06 -26.07 -1.98
CA GLY A 285 -0.93 -25.38 -1.39
C GLY A 285 0.16 -26.30 -0.89
N ARG A 286 1.42 -25.83 -0.90
CA ARG A 286 2.52 -26.51 -0.25
C ARG A 286 2.08 -27.04 1.11
N PHE A 287 2.57 -28.22 1.47
CA PHE A 287 2.15 -28.85 2.72
C PHE A 287 2.83 -28.25 3.95
N ALA A 288 2.99 -26.92 3.99
CA ALA A 288 3.44 -26.26 5.21
C ALA A 288 2.45 -26.47 6.37
N HIS A 289 2.99 -26.33 7.59
CA HIS A 289 2.22 -26.50 8.83
C HIS A 289 1.20 -25.37 9.04
N TRP A 290 1.46 -24.18 8.45
CA TRP A 290 0.61 -23.02 8.64
C TRP A 290 -0.50 -22.90 7.62
N LYS A 291 -0.46 -23.68 6.53
CA LYS A 291 -1.62 -23.83 5.68
C LYS A 291 -2.80 -24.42 6.44
N ARG A 292 -2.51 -25.13 7.53
CA ARG A 292 -3.54 -25.73 8.38
C ARG A 292 -4.36 -26.74 7.60
N ILE A 293 -3.66 -27.50 6.74
CA ILE A 293 -4.25 -28.68 6.11
C ILE A 293 -5.01 -29.50 7.13
N ASP A 294 -4.41 -29.68 8.32
CA ASP A 294 -5.04 -30.45 9.37
C ASP A 294 -6.40 -29.88 9.75
N SER A 295 -6.59 -28.56 9.64
CA SER A 295 -7.89 -27.98 9.95
C SER A 295 -8.97 -28.38 8.95
N VAL A 296 -8.58 -28.65 7.70
CA VAL A 296 -9.54 -29.13 6.73
C VAL A 296 -9.95 -30.57 7.06
N LEU A 297 -8.96 -31.49 7.03
CA LEU A 297 -9.25 -32.88 7.32
C LEU A 297 -10.08 -33.00 8.58
N LYS A 298 -9.73 -32.26 9.63
CA LYS A 298 -10.58 -32.28 10.82
C LYS A 298 -12.00 -31.92 10.45
N ALA A 299 -12.15 -30.87 9.62
CA ALA A 299 -13.48 -30.39 9.22
C ALA A 299 -14.14 -31.33 8.21
N ALA A 300 -13.37 -31.96 7.32
CA ALA A 300 -13.95 -32.98 6.43
C ALA A 300 -14.37 -34.20 7.23
N SER A 301 -13.71 -34.46 8.35
CA SER A 301 -14.11 -35.61 9.13
C SER A 301 -15.50 -35.42 9.68
N ARG A 302 -15.89 -34.18 9.96
CA ARG A 302 -17.21 -33.97 10.51
C ARG A 302 -18.31 -34.03 9.45
N TRP A 303 -17.99 -33.76 8.18
CA TRP A 303 -19.03 -33.68 7.16
C TRP A 303 -19.16 -34.96 6.36
N GLU A 304 -18.13 -35.83 6.33
CA GLU A 304 -18.28 -37.10 5.62
C GLU A 304 -19.32 -37.98 6.31
N LYS A 305 -19.41 -37.84 7.63
CA LYS A 305 -20.37 -38.53 8.46
C LYS A 305 -21.79 -37.98 8.31
N GLU A 306 -21.98 -36.88 7.56
CA GLU A 306 -23.32 -36.35 7.33
C GLU A 306 -24.00 -36.97 6.09
N ASP A 307 -23.36 -37.94 5.41
CA ASP A 307 -23.98 -38.72 4.35
C ASP A 307 -24.38 -37.89 3.12
N LYS A 308 -24.01 -36.62 3.10
CA LYS A 308 -23.95 -35.85 1.86
C LYS A 308 -22.63 -36.18 1.21
N ARG A 309 -22.65 -36.39 -0.10
CA ARG A 309 -21.51 -37.01 -0.76
C ARG A 309 -20.48 -35.94 -1.15
N ILE A 310 -19.63 -35.56 -0.19
CA ILE A 310 -18.71 -34.45 -0.39
C ILE A 310 -17.30 -34.97 -0.62
N LEU A 311 -16.89 -34.85 -1.88
CA LEU A 311 -15.52 -35.11 -2.30
C LEU A 311 -14.63 -33.97 -1.83
N THR A 312 -13.38 -34.29 -1.49
CA THR A 312 -12.45 -33.36 -0.88
C THR A 312 -11.07 -33.65 -1.44
N LEU A 313 -10.51 -32.71 -2.17
CA LEU A 313 -9.27 -32.94 -2.91
C LEU A 313 -8.14 -32.16 -2.25
N ILE A 314 -6.96 -32.75 -2.14
CA ILE A 314 -5.86 -32.13 -1.39
C ILE A 314 -4.67 -32.01 -2.35
N PHE A 315 -4.66 -30.92 -3.11
CA PHE A 315 -3.54 -30.69 -4.01
C PHE A 315 -2.36 -30.07 -3.28
N GLY A 316 -1.21 -30.17 -3.91
CA GLY A 316 0.03 -29.61 -3.42
C GLY A 316 1.03 -30.69 -3.07
N ALA A 317 2.27 -30.21 -2.86
CA ALA A 317 3.46 -31.02 -2.62
C ALA A 317 3.98 -30.89 -1.19
N GLY A 318 4.57 -31.98 -0.68
CA GLY A 318 5.06 -32.01 0.68
C GLY A 318 6.20 -32.99 0.86
N SER A 319 7.11 -32.66 1.78
CA SER A 319 8.19 -33.56 2.19
C SER A 319 7.63 -34.89 2.69
N GLN A 320 8.34 -35.99 2.36
CA GLN A 320 7.83 -37.33 2.63
C GLN A 320 7.47 -37.51 4.10
N GLU A 321 8.08 -36.72 4.98
CA GLU A 321 7.72 -36.70 6.39
C GLU A 321 6.34 -36.10 6.57
N THR A 322 6.16 -34.87 6.08
CA THR A 322 4.92 -34.11 6.28
C THR A 322 3.79 -34.70 5.43
N ARG A 323 4.10 -35.26 4.25
CA ARG A 323 3.07 -35.94 3.45
C ARG A 323 2.53 -37.15 4.21
N LYS A 324 3.43 -37.96 4.76
CA LYS A 324 3.00 -39.10 5.56
C LYS A 324 2.19 -38.63 6.76
N LEU A 325 2.52 -37.45 7.30
CA LEU A 325 1.82 -36.96 8.48
C LEU A 325 0.33 -36.75 8.21
N TYR A 326 0.01 -36.05 7.11
CA TYR A 326 -1.39 -35.67 6.88
C TYR A 326 -2.18 -36.82 6.28
N VAL A 327 -1.54 -37.64 5.44
CA VAL A 327 -2.20 -38.82 4.91
C VAL A 327 -2.66 -39.72 6.05
N ASP A 328 -1.74 -40.03 6.97
CA ASP A 328 -2.06 -40.87 8.11
C ASP A 328 -2.97 -40.16 9.11
N MET A 329 -2.87 -38.83 9.21
CA MET A 329 -3.84 -38.10 10.02
C MET A 329 -5.25 -38.23 9.42
N ALA A 330 -5.33 -38.30 8.11
CA ALA A 330 -6.62 -38.24 7.42
C ALA A 330 -7.34 -39.57 7.52
N TYR A 331 -6.67 -40.63 7.11
CA TYR A 331 -7.27 -41.95 6.95
C TYR A 331 -7.26 -42.74 8.26
N GLN A 332 -6.08 -43.03 8.81
CA GLN A 332 -6.01 -43.79 10.04
C GLN A 332 -6.69 -43.03 11.17
N THR A 333 -6.29 -41.77 11.40
CA THR A 333 -6.76 -41.06 12.59
C THR A 333 -8.22 -40.60 12.49
N LEU A 334 -8.74 -40.23 11.30
CA LEU A 334 -10.02 -39.54 11.19
C LEU A 334 -11.13 -40.27 10.42
N GLY A 335 -10.81 -41.31 9.65
CA GLY A 335 -11.86 -42.04 8.94
C GLY A 335 -12.35 -41.30 7.72
N LEU A 336 -11.41 -40.83 6.92
CA LEU A 336 -11.72 -40.03 5.75
C LEU A 336 -11.74 -40.99 4.55
N LYS A 337 -12.95 -41.19 3.99
CA LYS A 337 -13.21 -42.05 2.83
C LYS A 337 -13.52 -41.27 1.55
N ASP A 338 -13.88 -39.98 1.67
CA ASP A 338 -14.24 -39.11 0.56
C ASP A 338 -13.22 -37.98 0.39
N THR A 339 -11.96 -38.23 0.76
CA THR A 339 -10.95 -37.18 0.80
C THR A 339 -9.65 -37.76 0.24
N PHE A 340 -9.31 -37.41 -0.98
CA PHE A 340 -8.15 -38.01 -1.64
C PHE A 340 -7.03 -36.99 -1.76
N PHE A 341 -5.79 -37.47 -1.73
CA PHE A 341 -4.63 -36.62 -1.98
C PHE A 341 -4.15 -36.90 -3.38
N LEU A 342 -4.10 -35.87 -4.23
CA LEU A 342 -3.56 -36.01 -5.59
C LEU A 342 -2.28 -35.23 -5.77
N GLY A 343 -1.64 -34.80 -4.68
CA GLY A 343 -0.34 -34.18 -4.73
C GLY A 343 -0.30 -33.00 -5.67
N PRO A 344 0.89 -32.56 -6.04
CA PRO A 344 1.00 -31.33 -6.83
C PRO A 344 0.50 -31.55 -8.25
N GLN A 345 0.17 -30.43 -8.88
CA GLN A 345 -0.40 -30.41 -10.22
C GLN A 345 0.01 -29.14 -10.95
N SER A 346 0.04 -29.23 -12.28
CA SER A 346 0.29 -28.06 -13.09
C SER A 346 -0.80 -27.04 -12.87
N GLN A 347 -0.54 -25.83 -13.27
CA GLN A 347 -1.56 -24.80 -13.03
C GLN A 347 -2.74 -25.02 -13.94
N PRO A 348 -2.51 -25.29 -15.22
CA PRO A 348 -3.66 -25.54 -16.10
C PRO A 348 -4.53 -26.70 -15.67
N ASP A 349 -3.94 -27.80 -15.21
CA ASP A 349 -4.78 -28.84 -14.63
C ASP A 349 -5.56 -28.26 -13.46
N LEU A 350 -4.92 -27.41 -12.65
CA LEU A 350 -5.59 -26.83 -11.50
C LEU A 350 -6.75 -25.92 -11.94
N ALA A 351 -6.58 -25.16 -13.04
CA ALA A 351 -7.67 -24.32 -13.55
C ALA A 351 -8.88 -25.17 -13.94
N ASN A 352 -8.63 -26.31 -14.59
CA ASN A 352 -9.71 -27.27 -14.84
C ASN A 352 -10.36 -27.73 -13.54
N VAL A 353 -9.58 -27.93 -12.47
CA VAL A 353 -10.15 -28.39 -11.20
C VAL A 353 -11.02 -27.30 -10.56
N TYR A 354 -10.44 -26.12 -10.33
CA TYR A 354 -11.22 -25.01 -9.80
C TYR A 354 -12.49 -24.85 -10.63
N THR A 355 -12.35 -24.87 -11.96
CA THR A 355 -13.50 -24.65 -12.82
C THR A 355 -14.69 -25.53 -12.46
N VAL A 356 -14.43 -26.72 -11.92
CA VAL A 356 -15.51 -27.64 -11.61
C VAL A 356 -15.71 -27.82 -10.11
N ALA A 357 -15.01 -27.03 -9.28
CA ALA A 357 -15.14 -27.14 -7.83
C ALA A 357 -16.27 -26.26 -7.28
N ASP A 358 -16.91 -26.74 -6.20
CA ASP A 358 -18.00 -25.98 -5.57
C ASP A 358 -17.48 -24.87 -4.64
N VAL A 359 -16.45 -25.13 -3.85
CA VAL A 359 -15.79 -24.08 -3.07
C VAL A 359 -14.38 -24.56 -2.71
N SER A 360 -13.47 -23.62 -2.50
CA SER A 360 -12.12 -23.95 -2.06
C SER A 360 -11.88 -23.39 -0.66
N VAL A 361 -11.05 -24.10 0.11
CA VAL A 361 -10.73 -23.72 1.48
C VAL A 361 -9.21 -23.68 1.60
N PHE A 362 -8.68 -22.53 2.05
CA PHE A 362 -7.25 -22.32 2.20
C PHE A 362 -7.05 -21.67 3.58
N PRO A 363 -7.32 -22.41 4.65
CA PRO A 363 -7.38 -21.76 5.98
C PRO A 363 -6.04 -21.33 6.55
N SER A 364 -5.17 -20.80 5.69
CA SER A 364 -3.83 -20.45 6.14
C SER A 364 -3.87 -19.48 7.31
N HIS A 365 -2.99 -19.70 8.27
CA HIS A 365 -2.64 -18.68 9.25
C HIS A 365 -1.55 -17.80 8.65
N ASP A 366 -1.85 -16.50 8.54
CA ASP A 366 -0.96 -15.48 8.00
C ASP A 366 -0.47 -15.87 6.62
N GLU A 367 -1.41 -16.19 5.74
CA GLU A 367 -1.08 -16.33 4.32
C GLU A 367 -0.51 -15.00 3.83
N PRO A 368 0.75 -14.94 3.42
CA PRO A 368 1.32 -13.64 2.97
C PRO A 368 0.47 -12.92 1.94
N PHE A 369 0.11 -13.60 0.86
CA PHE A 369 -0.90 -13.05 -0.06
C PHE A 369 -1.88 -14.15 -0.46
N GLY A 370 -1.35 -15.30 -0.85
CA GLY A 370 -2.21 -16.40 -1.25
C GLY A 370 -2.71 -16.25 -2.66
N LEU A 371 -1.88 -16.68 -3.61
CA LEU A 371 -2.30 -16.60 -5.00
C LEU A 371 -3.37 -17.62 -5.33
N VAL A 372 -3.34 -18.78 -4.68
CA VAL A 372 -4.40 -19.76 -4.90
C VAL A 372 -5.78 -19.16 -4.66
N PHE A 373 -5.91 -18.17 -3.77
CA PHE A 373 -7.21 -17.54 -3.56
C PHE A 373 -7.72 -16.88 -4.84
N ILE A 374 -6.87 -16.09 -5.49
CA ILE A 374 -7.35 -15.33 -6.63
C ILE A 374 -7.32 -16.18 -7.88
N GLU A 375 -6.33 -17.09 -8.00
CA GLU A 375 -6.34 -18.05 -9.10
C GLU A 375 -7.68 -18.77 -9.15
N CYS A 376 -8.15 -19.23 -8.00
CA CYS A 376 -9.42 -19.94 -7.95
C CYS A 376 -10.59 -19.00 -8.23
N MET A 377 -10.54 -17.78 -7.73
CA MET A 377 -11.61 -16.86 -8.06
C MET A 377 -11.61 -16.56 -9.56
N GLY A 378 -10.44 -16.55 -10.19
CA GLY A 378 -10.33 -16.21 -11.60
C GLY A 378 -10.98 -17.19 -12.54
N CYS A 379 -11.38 -18.36 -12.02
CA CYS A 379 -12.10 -19.38 -12.75
C CYS A 379 -13.56 -19.44 -12.32
N GLY A 380 -13.98 -18.56 -11.42
CA GLY A 380 -15.38 -18.44 -11.12
C GLY A 380 -15.84 -19.27 -9.96
N THR A 381 -14.93 -19.62 -9.03
CA THR A 381 -15.39 -20.33 -7.84
C THR A 381 -14.99 -19.64 -6.52
N PRO A 382 -15.87 -19.68 -5.52
CA PRO A 382 -15.66 -18.92 -4.29
C PRO A 382 -14.60 -19.57 -3.43
N VAL A 383 -14.17 -18.83 -2.41
CA VAL A 383 -13.00 -19.20 -1.60
C VAL A 383 -13.31 -18.97 -0.13
N ILE A 384 -12.79 -19.87 0.70
CA ILE A 384 -12.93 -19.79 2.15
C ILE A 384 -11.53 -19.79 2.78
N GLY A 385 -11.30 -18.85 3.69
CA GLY A 385 -10.01 -18.69 4.34
C GLY A 385 -10.12 -18.12 5.74
N ALA A 386 -9.06 -17.52 6.27
CA ALA A 386 -9.07 -17.12 7.66
C ALA A 386 -8.71 -15.65 7.76
N LYS A 387 -9.20 -15.00 8.82
CA LYS A 387 -8.97 -13.57 9.03
C LYS A 387 -7.54 -13.35 9.53
N SER A 388 -6.60 -13.64 8.64
CA SER A 388 -5.21 -13.33 8.88
C SER A 388 -4.49 -13.20 7.56
N GLY A 389 -3.59 -12.25 7.49
CA GLY A 389 -2.71 -12.18 6.34
C GLY A 389 -3.31 -11.44 5.14
N GLY A 390 -2.72 -11.70 3.99
CA GLY A 390 -3.09 -11.10 2.73
C GLY A 390 -4.56 -11.18 2.38
N PRO A 391 -5.24 -12.28 2.73
CA PRO A 391 -6.65 -12.42 2.36
C PRO A 391 -7.60 -11.47 3.09
N LEU A 392 -7.16 -10.84 4.18
CA LEU A 392 -8.03 -9.89 4.87
C LEU A 392 -8.34 -8.68 3.99
N ASP A 393 -7.42 -8.36 3.07
CA ASP A 393 -7.57 -7.20 2.19
C ASP A 393 -8.34 -7.43 0.89
N PHE A 394 -8.65 -8.68 0.50
CA PHE A 394 -9.37 -8.84 -0.75
C PHE A 394 -10.44 -9.92 -0.73
N VAL A 395 -10.53 -10.73 0.27
CA VAL A 395 -11.67 -11.61 0.38
C VAL A 395 -12.78 -10.88 1.11
N ASN A 396 -14.00 -11.02 0.64
CA ASN A 396 -15.14 -10.39 1.27
C ASN A 396 -16.36 -11.30 1.14
N ASP A 397 -17.50 -10.83 1.63
CA ASP A 397 -18.68 -11.68 1.59
C ASP A 397 -19.15 -11.90 0.15
N GLU A 398 -18.71 -11.10 -0.81
CA GLU A 398 -19.22 -11.23 -2.18
C GLU A 398 -18.52 -12.35 -2.97
N VAL A 399 -17.36 -12.83 -2.52
CA VAL A 399 -16.64 -13.87 -3.25
C VAL A 399 -16.30 -15.06 -2.36
N GLY A 400 -16.90 -15.13 -1.19
CA GLY A 400 -16.55 -16.19 -0.29
C GLY A 400 -16.56 -15.74 1.16
N ALA A 401 -15.56 -16.15 1.93
CA ALA A 401 -15.67 -15.97 3.38
C ALA A 401 -14.32 -16.19 4.05
N LEU A 402 -14.12 -15.49 5.17
CA LEU A 402 -12.99 -15.73 6.06
C LEU A 402 -13.48 -16.09 7.46
N VAL A 403 -13.00 -17.22 8.00
CA VAL A 403 -13.43 -17.67 9.31
C VAL A 403 -12.67 -16.89 10.40
N ASP A 404 -13.33 -16.71 11.55
CA ASP A 404 -12.65 -16.13 12.70
C ASP A 404 -11.43 -17.00 13.05
N GLU A 405 -10.33 -16.35 13.41
CA GLU A 405 -9.08 -17.05 13.69
C GLU A 405 -9.14 -17.76 15.04
N GLY A 406 -8.24 -18.74 15.22
CA GLY A 406 -8.30 -19.54 16.42
C GLY A 406 -7.34 -20.72 16.41
N THR A 407 -7.50 -21.54 17.45
CA THR A 407 -6.80 -22.81 17.53
C THR A 407 -7.12 -23.65 16.30
N ASN A 408 -6.19 -24.50 15.88
CA ASN A 408 -6.47 -25.29 14.68
C ASN A 408 -7.84 -25.98 14.76
N ASP A 409 -8.12 -26.65 15.88
CA ASP A 409 -9.44 -27.26 16.06
C ASP A 409 -10.55 -26.22 16.01
N GLU A 410 -10.28 -25.00 16.47
CA GLU A 410 -11.29 -23.95 16.37
C GLU A 410 -11.54 -23.61 14.91
N VAL A 411 -10.46 -23.42 14.14
CA VAL A 411 -10.59 -23.08 12.73
C VAL A 411 -11.41 -24.15 12.04
N ALA A 412 -11.04 -25.42 12.25
CA ALA A 412 -11.68 -26.54 11.55
C ALA A 412 -13.19 -26.57 11.77
N GLU A 413 -13.66 -26.36 13.00
CA GLU A 413 -15.10 -26.26 13.22
C GLU A 413 -15.70 -25.12 12.42
N ARG A 414 -14.99 -23.98 12.34
CA ARG A 414 -15.50 -22.83 11.61
C ARG A 414 -15.43 -23.05 10.10
N VAL A 415 -14.35 -23.68 9.60
CA VAL A 415 -14.30 -24.11 8.21
C VAL A 415 -15.49 -25.00 7.89
N TYR A 416 -15.68 -26.04 8.70
CA TYR A 416 -16.84 -26.90 8.52
C TYR A 416 -18.13 -26.09 8.42
N ALA A 417 -18.32 -25.14 9.35
CA ALA A 417 -19.49 -24.29 9.27
C ALA A 417 -19.57 -23.58 7.93
N ALA A 418 -18.41 -23.25 7.34
CA ALA A 418 -18.32 -22.44 6.14
C ALA A 418 -18.66 -23.26 4.91
N VAL A 419 -17.98 -24.38 4.74
CA VAL A 419 -18.29 -25.28 3.64
C VAL A 419 -19.75 -25.67 3.67
N LYS A 420 -20.29 -25.89 4.87
CA LYS A 420 -21.68 -26.32 4.96
C LYS A 420 -22.63 -25.23 4.46
N GLN A 421 -22.39 -23.98 4.86
CA GLN A 421 -23.17 -22.86 4.34
C GLN A 421 -22.92 -22.64 2.85
N ALA A 422 -21.68 -22.78 2.39
CA ALA A 422 -21.37 -22.48 0.99
C ALA A 422 -22.10 -23.46 0.08
N LEU A 423 -21.99 -24.76 0.39
CA LEU A 423 -22.69 -25.78 -0.37
C LEU A 423 -24.20 -25.57 -0.30
N ALA A 424 -24.68 -25.22 0.89
CA ALA A 424 -26.11 -25.14 1.11
C ALA A 424 -26.72 -23.93 0.44
N GLU A 425 -25.97 -22.85 0.32
CA GLU A 425 -26.44 -21.64 -0.36
C GLU A 425 -25.91 -21.54 -1.79
N ASP A 426 -25.16 -22.55 -2.26
CA ASP A 426 -24.63 -22.63 -3.63
C ASP A 426 -23.85 -21.36 -3.97
N TRP A 427 -22.84 -21.08 -3.15
CA TRP A 427 -21.99 -19.93 -3.40
C TRP A 427 -21.38 -19.95 -4.80
N LYS A 428 -21.07 -21.13 -5.31
CA LYS A 428 -20.62 -21.25 -6.70
C LYS A 428 -21.53 -20.48 -7.65
N LYS A 429 -22.83 -20.76 -7.62
CA LYS A 429 -23.76 -20.05 -8.51
C LYS A 429 -23.88 -18.58 -8.11
N THR A 430 -24.11 -18.33 -6.82
CA THR A 430 -24.43 -16.99 -6.35
C THR A 430 -23.23 -16.05 -6.26
N LYS A 431 -22.01 -16.57 -6.11
CA LYS A 431 -20.82 -15.73 -6.13
C LYS A 431 -19.84 -16.04 -7.25
N GLY A 432 -19.99 -17.16 -7.96
CA GLY A 432 -18.99 -17.54 -8.94
C GLY A 432 -18.81 -16.49 -10.02
N ALA A 433 -19.91 -15.90 -10.46
CA ALA A 433 -19.83 -14.83 -11.44
C ALA A 433 -18.95 -13.68 -10.94
N GLN A 434 -19.24 -13.12 -9.75
CA GLN A 434 -18.44 -12.01 -9.23
C GLN A 434 -17.00 -12.43 -8.92
N CYS A 435 -16.80 -13.63 -8.41
CA CYS A 435 -15.42 -14.09 -8.18
C CYS A 435 -14.58 -13.90 -9.43
N GLU A 436 -15.11 -14.29 -10.59
CA GLU A 436 -14.39 -14.16 -11.87
C GLU A 436 -14.18 -12.70 -12.27
N GLN A 437 -15.27 -11.91 -12.35
CA GLN A 437 -15.09 -10.51 -12.80
C GLN A 437 -14.20 -9.75 -11.82
N TYR A 438 -14.13 -10.21 -10.56
CA TYR A 438 -13.41 -9.50 -9.50
C TYR A 438 -11.91 -9.78 -9.55
N ALA A 439 -11.56 -11.06 -9.69
CA ALA A 439 -10.19 -11.46 -9.89
C ALA A 439 -9.60 -10.82 -11.14
N LEU A 440 -10.30 -10.93 -12.25
CA LEU A 440 -9.77 -10.42 -13.49
C LEU A 440 -9.54 -8.91 -13.43
N LYS A 441 -10.42 -8.19 -12.72
CA LYS A 441 -10.28 -6.74 -12.65
C LYS A 441 -9.08 -6.33 -11.80
N LYS A 442 -9.00 -6.83 -10.55
CA LYS A 442 -8.04 -6.36 -9.57
C LYS A 442 -6.70 -7.10 -9.55
N PHE A 443 -6.60 -8.30 -10.15
CA PHE A 443 -5.34 -9.01 -10.04
C PHE A 443 -4.91 -9.69 -11.35
N SER A 444 -5.46 -9.25 -12.48
CA SER A 444 -5.01 -9.59 -13.84
C SER A 444 -3.54 -9.22 -14.04
N LEU A 445 -2.95 -9.80 -15.08
CA LEU A 445 -1.58 -9.43 -15.39
C LEU A 445 -1.47 -7.95 -15.71
N ALA A 446 -2.59 -7.31 -16.05
CA ALA A 446 -2.58 -5.90 -16.41
C ALA A 446 -2.30 -5.04 -15.19
N SER A 447 -2.95 -5.33 -14.06
CA SER A 447 -2.68 -4.58 -12.85
C SER A 447 -1.32 -4.92 -12.29
N GLN A 448 -0.96 -6.21 -12.30
CA GLN A 448 0.37 -6.59 -11.82
C GLN A 448 1.46 -5.91 -12.64
N ALA A 449 1.27 -5.83 -13.96
CA ALA A 449 2.20 -5.06 -14.80
C ALA A 449 2.30 -3.60 -14.35
N GLU A 450 1.16 -2.96 -14.10
CA GLU A 450 1.17 -1.56 -13.68
C GLU A 450 1.88 -1.38 -12.33
N LEU A 451 1.60 -2.26 -11.36
CA LEU A 451 2.30 -2.20 -10.08
C LEU A 451 3.79 -2.38 -10.25
N MET A 452 4.18 -3.34 -11.11
CA MET A 452 5.58 -3.70 -11.32
C MET A 452 6.38 -2.54 -11.93
N LEU A 453 5.94 -2.01 -13.08
CA LEU A 453 6.68 -0.90 -13.68
C LEU A 453 6.84 0.23 -12.71
N GLU A 454 5.81 0.42 -11.88
CA GLU A 454 5.77 1.50 -10.91
C GLU A 454 6.78 1.27 -9.80
N PHE A 455 6.84 0.03 -9.28
CA PHE A 455 7.92 -0.33 -8.35
C PHE A 455 9.27 -0.06 -8.98
N VAL A 456 9.47 -0.54 -10.21
CA VAL A 456 10.77 -0.50 -10.85
C VAL A 456 11.27 0.92 -10.96
N GLU A 457 10.36 1.85 -11.31
CA GLU A 457 10.72 3.26 -11.50
C GLU A 457 11.40 3.84 -10.25
N SER A 458 10.80 3.62 -9.08
CA SER A 458 11.26 4.26 -7.86
C SER A 458 12.23 3.42 -7.04
N HIS A 459 12.42 2.15 -7.36
CA HIS A 459 13.29 1.28 -6.58
C HIS A 459 14.53 0.82 -7.32
N PHE A 460 14.59 0.99 -8.65
CA PHE A 460 15.64 0.38 -9.45
C PHE A 460 16.24 1.33 -10.48
N THR A 461 15.85 2.60 -10.51
CA THR A 461 16.47 3.67 -11.29
C THR A 461 17.47 4.49 -10.46
N LYS A 462 18.26 3.81 -9.63
CA LYS A 462 19.41 4.36 -8.88
C LYS A 462 19.35 5.86 -8.62
N LYS B 1 16.37 26.35 30.57
CA LYS B 1 16.09 24.91 30.77
C LYS B 1 16.45 24.03 29.56
N GLU B 2 17.45 23.15 29.71
CA GLU B 2 18.00 22.36 28.60
C GLU B 2 17.14 21.15 28.26
N TRP B 3 16.89 20.95 26.98
CA TRP B 3 16.10 19.84 26.50
C TRP B 3 16.97 18.98 25.59
N LEU B 4 16.87 17.65 25.76
CA LEU B 4 17.51 16.66 24.89
C LEU B 4 16.43 15.65 24.48
N ILE B 5 15.87 15.86 23.28
CA ILE B 5 14.64 15.22 22.84
C ILE B 5 14.94 14.10 21.86
N PHE B 6 14.27 12.96 22.04
CA PHE B 6 14.27 11.89 21.05
C PHE B 6 12.87 11.74 20.51
N ALA B 7 12.69 12.04 19.22
CA ALA B 7 11.39 11.97 18.56
C ALA B 7 11.33 10.85 17.50
N LEU B 8 10.31 10.01 17.61
CA LEU B 8 10.16 8.80 16.82
C LEU B 8 8.94 9.00 15.94
N GLY B 9 9.17 9.05 14.60
CA GLY B 9 8.12 9.36 13.66
C GLY B 9 7.43 8.12 13.11
N THR B 10 6.25 8.35 12.55
CA THR B 10 5.52 7.23 11.95
C THR B 10 5.71 7.18 10.45
N ASN B 11 5.63 8.32 9.77
CA ASN B 11 5.76 8.40 8.33
C ASN B 11 7.09 9.02 7.96
N ASN B 12 7.46 8.80 6.70
CA ASN B 12 8.69 9.32 6.15
C ASN B 12 8.67 10.85 6.06
N TRP B 13 9.84 11.45 6.20
CA TRP B 13 9.99 12.85 5.86
C TRP B 13 10.02 13.05 4.36
N GLN B 14 9.83 14.32 3.95
CA GLN B 14 9.97 14.70 2.55
C GLN B 14 11.41 14.58 2.09
N GLY B 15 11.59 14.14 0.86
CA GLY B 15 12.93 13.95 0.36
C GLY B 15 12.99 13.20 -0.94
N PRO B 16 14.18 12.95 -1.41
CA PRO B 16 14.38 12.23 -2.67
C PRO B 16 13.44 11.05 -2.88
N GLY B 17 12.43 11.30 -3.71
CA GLY B 17 11.57 10.26 -4.21
C GLY B 17 10.34 9.98 -3.38
N GLN B 18 10.14 10.73 -2.30
CA GLN B 18 9.08 10.47 -1.35
C GLN B 18 8.52 11.80 -0.92
N PHE B 19 7.22 11.99 -1.06
CA PHE B 19 6.62 13.15 -0.42
C PHE B 19 6.31 12.80 1.03
N ALA B 20 6.18 13.83 1.88
CA ALA B 20 5.88 13.57 3.29
C ALA B 20 4.38 13.62 3.49
N PRO B 21 3.77 12.53 3.98
CA PRO B 21 2.30 12.47 4.06
C PRO B 21 1.75 13.43 5.11
N GLY B 22 1.35 12.90 6.26
CA GLY B 22 0.70 13.73 7.24
C GLY B 22 1.66 14.04 8.36
N SER B 23 1.75 13.14 9.35
CA SER B 23 2.72 13.34 10.41
C SER B 23 4.11 13.61 9.83
N GLY B 24 4.39 13.15 8.62
CA GLY B 24 5.74 13.21 8.11
C GLY B 24 6.24 14.61 7.98
N ILE B 25 5.53 15.46 7.23
CA ILE B 25 6.02 16.82 7.08
C ILE B 25 5.97 17.62 8.39
N LEU B 26 5.19 17.14 9.38
CA LEU B 26 5.08 17.83 10.67
C LEU B 26 6.20 17.42 11.61
N HIS B 27 6.35 16.12 11.83
CA HIS B 27 7.53 15.58 12.49
C HIS B 27 8.78 16.26 11.94
N GLN B 28 8.84 16.46 10.63
CA GLN B 28 10.01 17.09 10.04
C GLN B 28 10.10 18.56 10.47
N GLY B 29 9.00 19.31 10.31
CA GLY B 29 9.05 20.71 10.72
C GLY B 29 9.35 20.88 12.20
N GLN B 30 8.80 19.98 13.03
CA GLN B 30 9.01 20.10 14.46
C GLN B 30 10.46 19.86 14.82
N HIS B 31 11.05 18.84 14.18
CA HIS B 31 12.47 18.57 14.37
C HIS B 31 13.34 19.78 14.03
N ILE B 32 12.96 20.54 13.02
CA ILE B 32 13.72 21.74 12.72
C ILE B 32 13.45 22.82 13.75
N ALA B 33 12.18 23.02 14.09
CA ALA B 33 11.84 24.04 15.07
C ALA B 33 12.60 23.79 16.36
N MET B 34 12.56 22.55 16.85
CA MET B 34 13.13 22.30 18.15
C MET B 34 14.64 22.51 18.12
N ASN B 35 15.33 22.02 17.10
CA ASN B 35 16.77 22.17 17.07
C ASN B 35 17.21 23.61 16.91
N SER B 36 16.26 24.49 16.61
CA SER B 36 16.49 25.91 16.42
C SER B 36 16.29 26.72 17.69
N LEU B 37 15.76 26.11 18.74
CA LEU B 37 15.52 26.80 19.99
C LEU B 37 16.81 26.84 20.80
N GLU B 38 16.88 27.81 21.70
CA GLU B 38 18.00 27.90 22.62
C GLU B 38 17.99 26.68 23.55
N LYS B 39 19.18 26.23 23.93
CA LYS B 39 19.28 25.12 24.88
C LYS B 39 18.34 23.99 24.48
N CYS B 40 18.30 23.69 23.17
CA CYS B 40 17.47 22.60 22.66
C CYS B 40 18.19 21.80 21.59
N HIS B 41 18.18 20.48 21.75
CA HIS B 41 18.75 19.56 20.79
C HIS B 41 17.72 18.47 20.56
N CYS B 42 17.26 18.32 19.33
CA CYS B 42 16.33 17.23 19.03
C CYS B 42 16.94 16.22 18.07
N TYR B 43 16.72 14.94 18.37
CA TYR B 43 17.17 13.83 17.55
C TYR B 43 15.95 13.03 17.12
N SER B 44 15.75 12.89 15.80
CA SER B 44 14.58 12.23 15.25
C SER B 44 14.94 10.95 14.49
N ILE B 45 14.00 10.03 14.42
CA ILE B 45 14.14 8.81 13.63
C ILE B 45 12.77 8.47 13.02
N TRP B 46 12.78 8.06 11.76
CA TRP B 46 11.55 7.89 11.01
C TRP B 46 11.80 6.90 9.89
N PRO B 47 10.80 6.16 9.45
CA PRO B 47 11.07 5.01 8.58
C PRO B 47 10.91 5.31 7.11
N SER B 48 11.47 4.44 6.27
CA SER B 48 11.45 4.63 4.82
C SER B 48 12.01 3.45 4.02
N ASP B 49 11.20 2.96 3.05
CA ASP B 49 11.61 1.93 2.11
C ASP B 49 12.30 2.49 0.87
N LEU B 50 12.56 3.80 0.83
CA LEU B 50 13.29 4.43 -0.24
C LEU B 50 14.50 5.21 0.23
N GLN B 51 14.31 6.09 1.20
CA GLN B 51 15.38 6.96 1.66
C GLN B 51 16.37 6.17 2.50
N LYS B 52 17.59 6.71 2.57
CA LYS B 52 18.67 6.03 3.26
C LYS B 52 19.21 6.94 4.36
N THR B 53 19.64 6.34 5.46
CA THR B 53 20.11 7.12 6.61
C THR B 53 21.33 7.96 6.23
N PRO B 54 21.45 9.16 6.78
CA PRO B 54 22.48 10.08 6.28
C PRO B 54 23.85 9.71 6.80
N THR B 55 24.85 10.19 6.05
CA THR B 55 26.23 10.03 6.40
C THR B 55 26.96 11.34 6.66
N ASP B 56 26.34 12.49 6.36
CA ASP B 56 26.97 13.77 6.65
C ASP B 56 26.37 14.47 7.86
N ARG B 57 25.50 13.78 8.60
CA ARG B 57 24.86 14.38 9.76
C ARG B 57 24.33 13.30 10.69
N ASP B 58 24.18 13.69 11.97
CA ASP B 58 23.81 12.72 12.99
C ASP B 58 22.51 13.03 13.72
N ASP B 59 21.82 14.09 13.34
CA ASP B 59 20.64 14.52 14.07
C ASP B 59 19.39 13.71 13.77
N TYR B 60 19.40 12.89 12.72
CA TYR B 60 18.27 12.02 12.40
C TYR B 60 18.76 10.79 11.68
N ARG B 61 18.15 9.67 11.96
CA ARG B 61 18.43 8.46 11.22
C ARG B 61 17.15 7.95 10.57
N VAL B 62 17.31 7.31 9.41
CA VAL B 62 16.21 6.66 8.71
C VAL B 62 16.17 5.21 9.16
N TYR B 63 15.04 4.79 9.72
CA TYR B 63 14.77 3.36 9.88
C TYR B 63 14.49 2.78 8.50
N GLU B 64 15.47 2.05 7.97
CA GLU B 64 15.41 1.57 6.60
C GLU B 64 14.69 0.22 6.62
N ILE B 65 13.55 0.16 5.92
CA ILE B 65 12.68 -1.00 5.97
C ILE B 65 12.45 -1.63 4.61
N PRO B 66 12.19 -2.94 4.55
CA PRO B 66 11.96 -3.63 3.26
C PRO B 66 10.58 -3.50 2.64
N HIS B 67 9.64 -2.77 3.24
CA HIS B 67 8.36 -2.55 2.58
C HIS B 67 7.86 -1.15 2.84
N PRO B 68 6.82 -0.73 2.12
CA PRO B 68 6.09 0.47 2.52
C PRO B 68 5.84 0.56 4.01
N ILE B 69 5.88 1.80 4.50
CA ILE B 69 5.43 2.04 5.89
C ILE B 69 4.03 1.51 6.07
N PRO B 70 3.72 0.81 7.13
CA PRO B 70 2.39 0.20 7.20
C PRO B 70 1.31 1.22 7.56
N ILE B 71 0.13 0.95 7.05
CA ILE B 71 -1.09 1.74 7.20
C ILE B 71 -1.89 1.16 8.35
N CYS B 72 -2.67 2.01 9.03
CA CYS B 72 -3.60 1.49 10.03
C CYS B 72 -5.01 1.29 9.48
N GLU B 73 -5.62 2.38 9.01
CA GLU B 73 -7.05 2.58 9.13
C GLU B 73 -7.82 2.22 7.89
N SER B 74 -7.15 2.05 6.77
CA SER B 74 -7.83 1.80 5.52
C SER B 74 -7.15 0.61 4.85
N VAL B 75 -7.92 -0.15 4.09
CA VAL B 75 -7.28 -1.01 3.12
C VAL B 75 -7.00 -0.12 1.90
N GLY B 76 -5.72 -0.03 1.52
CA GLY B 76 -5.28 0.94 0.54
C GLY B 76 -4.93 0.29 -0.80
N PRO B 77 -4.08 0.99 -1.64
CA PRO B 77 -3.57 0.35 -2.85
C PRO B 77 -2.97 -1.02 -2.58
N GLN B 78 -2.93 -1.86 -3.61
CA GLN B 78 -2.47 -3.24 -3.44
C GLN B 78 -0.97 -3.29 -3.10
N SER B 79 -0.21 -2.31 -3.62
CA SER B 79 1.20 -2.03 -3.27
C SER B 79 1.51 -1.69 -1.85
N SER B 80 0.51 -1.74 -0.95
CA SER B 80 0.63 -1.13 0.38
C SER B 80 0.53 -2.19 1.47
N LYS B 81 1.24 -1.96 2.55
CA LYS B 81 1.19 -2.83 3.71
C LYS B 81 0.25 -2.24 4.74
N ARG B 82 -0.34 -3.12 5.55
CA ARG B 82 -1.37 -2.74 6.53
C ARG B 82 -1.32 -3.73 7.68
N TRP B 83 -1.45 -3.20 8.89
CA TRP B 83 -1.08 -3.94 10.10
C TRP B 83 -1.90 -5.22 10.32
N HIS B 84 -3.19 -5.22 10.00
CA HIS B 84 -3.98 -6.44 10.20
C HIS B 84 -3.61 -7.49 9.16
N SER B 85 -3.30 -7.01 7.93
CA SER B 85 -2.91 -7.87 6.82
C SER B 85 -1.57 -8.54 7.04
N MET B 86 -0.73 -7.95 7.87
CA MET B 86 0.63 -8.42 7.99
C MET B 86 0.66 -9.72 8.78
N THR B 87 1.67 -10.51 8.46
CA THR B 87 2.00 -11.71 9.19
C THR B 87 2.53 -11.33 10.56
N ASP B 88 2.37 -12.22 11.53
CA ASP B 88 2.95 -11.96 12.84
C ASP B 88 4.46 -11.78 12.71
N GLU B 89 5.09 -12.58 11.85
CA GLU B 89 6.53 -12.45 11.69
C GLU B 89 6.90 -11.04 11.24
N GLU B 90 6.22 -10.54 10.21
CA GLU B 90 6.46 -9.18 9.68
C GLU B 90 6.31 -8.11 10.76
N VAL B 91 5.25 -8.19 11.55
CA VAL B 91 4.98 -7.19 12.57
C VAL B 91 6.04 -7.23 13.66
N THR B 92 6.28 -8.41 14.24
CA THR B 92 7.35 -8.54 15.22
C THR B 92 8.66 -7.99 14.69
N SER B 93 8.96 -8.25 13.43
CA SER B 93 10.20 -7.74 12.87
C SER B 93 10.22 -6.22 12.87
N TYR B 94 9.18 -5.59 12.32
CA TYR B 94 9.17 -4.14 12.22
C TYR B 94 9.37 -3.50 13.57
N CYS B 95 8.56 -3.91 14.56
CA CYS B 95 8.72 -3.37 15.90
C CYS B 95 10.08 -3.72 16.51
N ASP B 96 10.41 -5.02 16.62
CA ASP B 96 11.63 -5.39 17.33
C ASP B 96 12.83 -4.68 16.72
N ASN B 97 12.85 -4.56 15.39
CA ASN B 97 14.02 -3.94 14.80
C ASN B 97 13.99 -2.44 15.02
N LEU B 98 12.84 -1.82 14.86
CA LEU B 98 12.77 -0.40 15.18
C LEU B 98 13.26 -0.16 16.62
N LEU B 99 12.87 -1.04 17.55
CA LEU B 99 13.27 -0.84 18.93
C LEU B 99 14.78 -0.88 19.09
N LYS B 100 15.43 -1.82 18.40
CA LYS B 100 16.89 -1.83 18.42
C LYS B 100 17.47 -0.55 17.81
N GLU B 101 16.93 -0.10 16.66
CA GLU B 101 17.53 1.07 16.01
C GLU B 101 17.34 2.32 16.87
N CYS B 102 16.24 2.40 17.63
CA CYS B 102 16.07 3.48 18.58
C CYS B 102 17.05 3.33 19.74
N THR B 103 17.11 2.15 20.39
CA THR B 103 17.97 2.09 21.56
C THR B 103 19.42 2.47 21.19
N ASP B 104 19.91 2.03 20.02
CA ASP B 104 21.28 2.37 19.64
C ASP B 104 21.41 3.87 19.45
N PHE B 105 20.50 4.47 18.69
CA PHE B 105 20.50 5.92 18.52
C PHE B 105 20.49 6.59 19.88
N ILE B 106 19.57 6.15 20.75
CA ILE B 106 19.50 6.70 22.11
C ILE B 106 20.86 6.61 22.80
N GLU B 107 21.58 5.51 22.59
CA GLU B 107 22.87 5.35 23.22
C GLU B 107 23.91 6.27 22.61
N TYR B 108 23.93 6.39 21.29
CA TYR B 108 24.79 7.38 20.66
C TYR B 108 24.55 8.74 21.29
N ILE B 109 23.27 9.12 21.39
CA ILE B 109 22.94 10.48 21.84
C ILE B 109 23.44 10.70 23.27
N GLU B 110 23.15 9.76 24.16
CA GLU B 110 23.48 9.97 25.56
C GLU B 110 24.99 9.99 25.75
N LYS B 111 25.71 8.99 25.19
CA LYS B 111 27.18 9.02 25.22
C LYS B 111 27.72 10.29 24.57
N LYS B 112 27.11 10.76 23.47
CA LYS B 112 27.62 11.95 22.79
C LYS B 112 27.57 13.16 23.70
N HIS B 113 26.44 13.34 24.39
CA HIS B 113 26.17 14.52 25.18
C HIS B 113 26.51 14.37 26.66
N GLY B 114 26.90 13.19 27.08
CA GLY B 114 27.16 12.97 28.47
C GLY B 114 26.04 13.46 29.37
N LYS B 115 24.81 13.32 28.87
CA LYS B 115 23.59 13.75 29.55
C LYS B 115 22.54 12.75 29.08
N ARG B 116 21.57 12.44 29.93
CA ARG B 116 20.48 11.59 29.47
C ARG B 116 19.40 12.36 28.69
N ILE B 117 18.91 11.73 27.63
CA ILE B 117 17.68 12.18 27.01
C ILE B 117 16.66 12.37 28.10
N ASN B 118 15.92 13.48 28.04
CA ASN B 118 14.96 13.88 29.06
C ASN B 118 13.57 14.17 28.49
N LEU B 119 13.30 13.74 27.26
CA LEU B 119 11.97 13.78 26.66
C LEU B 119 11.91 12.92 25.41
N PHE B 120 11.02 11.93 25.45
CA PHE B 120 10.66 11.09 24.31
C PHE B 120 9.39 11.64 23.66
N LEU B 121 9.42 11.87 22.36
CA LEU B 121 8.22 12.15 21.58
C LEU B 121 7.91 11.01 20.61
N ALA B 122 6.71 10.44 20.73
CA ALA B 122 6.29 9.31 19.92
C ALA B 122 5.06 9.70 19.11
N HIS B 123 5.04 9.32 17.83
CA HIS B 123 4.11 10.05 17.02
C HIS B 123 2.72 9.46 16.86
N HIS B 124 2.46 8.17 16.82
CA HIS B 124 1.01 7.88 16.81
C HIS B 124 0.62 7.05 18.02
N CYS B 125 -0.68 6.97 18.29
CA CYS B 125 -1.15 6.21 19.44
C CYS B 125 -1.06 4.67 19.34
N PHE B 126 0.02 4.18 18.77
CA PHE B 126 0.02 2.75 18.48
C PHE B 126 1.42 2.27 18.82
N MET B 127 2.22 1.94 17.81
CA MET B 127 3.43 1.17 18.07
C MET B 127 4.64 2.01 18.44
N ASN B 128 4.63 3.31 18.17
CA ASN B 128 5.72 4.14 18.66
C ASN B 128 5.68 4.21 20.19
N PRO B 129 4.57 4.53 20.85
CA PRO B 129 4.57 4.45 22.31
C PRO B 129 4.81 3.04 22.83
N VAL B 130 4.40 2.01 22.10
CA VAL B 130 4.68 0.68 22.62
C VAL B 130 6.18 0.44 22.69
N ILE B 131 6.90 0.86 21.64
CA ILE B 131 8.35 0.72 21.59
C ILE B 131 9.04 1.65 22.59
N MET B 132 8.72 2.96 22.52
CA MET B 132 9.26 3.91 23.49
C MET B 132 9.00 3.41 24.92
N SER B 133 7.84 2.79 25.15
CA SER B 133 7.51 2.43 26.52
C SER B 133 8.39 1.28 27.00
N GLU B 134 8.63 0.29 26.14
CA GLU B 134 9.54 -0.80 26.47
C GLU B 134 10.95 -0.27 26.74
N ILE B 135 11.46 0.55 25.84
CA ILE B 135 12.76 1.18 26.06
C ILE B 135 12.85 1.73 27.48
N ASN B 136 11.78 2.37 27.96
CA ASN B 136 11.79 2.93 29.31
C ASN B 136 11.90 1.83 30.35
N GLU B 137 11.06 0.79 30.21
CA GLU B 137 11.06 -0.30 31.18
C GLU B 137 12.40 -1.02 31.18
N ARG B 138 13.05 -1.07 30.01
CA ARG B 138 14.37 -1.69 29.94
C ARG B 138 15.44 -0.78 30.51
N ARG B 139 15.28 0.55 30.31
CA ARG B 139 16.17 1.54 30.95
C ARG B 139 16.17 1.38 32.46
N VAL B 140 15.00 1.20 33.06
CA VAL B 140 14.93 1.06 34.51
C VAL B 140 15.54 -0.25 34.98
N ALA B 141 15.34 -1.33 34.21
CA ALA B 141 15.89 -2.63 34.58
C ALA B 141 17.40 -2.61 34.68
N GLN B 142 18.04 -1.58 34.10
CA GLN B 142 19.48 -1.36 34.15
C GLN B 142 19.77 -0.09 34.96
N GLY B 143 18.82 0.39 35.74
CA GLY B 143 19.11 1.41 36.73
C GLY B 143 19.10 2.82 36.23
N ILE B 144 18.77 3.03 34.95
CA ILE B 144 18.54 4.33 34.30
C ILE B 144 17.07 4.71 34.41
N PRO B 145 16.74 5.98 34.63
CA PRO B 145 15.32 6.37 34.75
C PRO B 145 14.63 6.40 33.42
N LYS B 146 13.31 6.15 33.47
CA LYS B 146 12.45 6.37 32.30
C LYS B 146 12.64 7.81 31.84
N VAL B 147 12.49 8.06 30.55
CA VAL B 147 12.38 9.47 30.15
C VAL B 147 10.88 9.72 29.92
N PRO B 148 10.39 10.93 30.15
CA PRO B 148 8.94 11.14 30.01
C PRO B 148 8.54 10.97 28.56
N LEU B 149 7.47 10.26 28.37
CA LEU B 149 6.97 9.91 27.04
C LEU B 149 5.71 10.72 26.74
N VAL B 150 5.80 11.57 25.73
CA VAL B 150 4.64 12.32 25.22
C VAL B 150 4.26 11.77 23.84
N VAL B 151 2.95 11.66 23.59
CA VAL B 151 2.40 11.04 22.39
C VAL B 151 1.59 12.06 21.60
N PHE B 152 1.81 12.10 20.28
CA PHE B 152 1.03 12.94 19.37
C PHE B 152 -0.13 12.14 18.76
N ALA B 153 -1.37 12.48 19.10
CA ALA B 153 -2.51 11.70 18.62
C ALA B 153 -3.01 12.37 17.36
N HIS B 154 -2.64 11.79 16.23
CA HIS B 154 -3.00 12.29 14.93
C HIS B 154 -4.35 11.79 14.50
N GLY B 155 -4.66 10.54 14.84
CA GLY B 155 -6.02 10.09 14.77
C GLY B 155 -6.19 8.80 14.00
N THR B 156 -5.19 8.46 13.20
CA THR B 156 -5.24 7.27 12.37
C THR B 156 -5.35 5.99 13.18
N ALA B 157 -4.35 5.76 14.02
CA ALA B 157 -4.39 4.66 14.96
C ALA B 157 -5.75 4.57 15.62
N LEU B 158 -6.26 5.72 16.09
CA LEU B 158 -7.53 5.70 16.82
C LEU B 158 -8.67 5.20 15.95
N LYS B 159 -8.69 5.62 14.66
CA LYS B 159 -9.73 5.13 13.76
C LYS B 159 -9.63 3.63 13.62
N MET B 160 -8.42 3.11 13.45
CA MET B 160 -8.24 1.66 13.42
C MET B 160 -8.89 1.00 14.63
N TYR B 161 -8.71 1.58 15.81
CA TYR B 161 -9.28 0.97 17.01
C TYR B 161 -10.81 1.03 16.93
N GLU B 162 -11.38 2.21 16.62
CA GLU B 162 -12.81 2.32 16.34
C GLU B 162 -13.24 1.18 15.40
N ASN B 163 -12.58 1.06 14.24
CA ASN B 163 -12.92 0.01 13.28
C ASN B 163 -12.87 -1.39 13.89
N GLU B 164 -11.84 -1.67 14.66
CA GLU B 164 -11.80 -2.96 15.36
C GLU B 164 -13.01 -3.12 16.27
N ILE B 165 -13.30 -2.11 17.07
CA ILE B 165 -14.32 -2.23 18.07
C ILE B 165 -15.69 -2.39 17.43
N ASN B 166 -15.95 -1.64 16.33
CA ASN B 166 -17.17 -1.75 15.56
C ASN B 166 -17.20 -3.00 14.67
N LYS B 167 -16.21 -3.87 14.77
CA LYS B 167 -16.29 -5.20 14.17
C LYS B 167 -16.37 -5.13 12.65
N LEU B 168 -15.81 -4.07 12.07
CA LEU B 168 -15.58 -4.07 10.63
C LEU B 168 -14.82 -5.35 10.32
N PRO B 169 -14.92 -5.88 9.11
CA PRO B 169 -14.58 -7.30 8.92
C PRO B 169 -13.15 -7.46 8.49
N GLU B 170 -12.62 -6.42 7.85
CA GLU B 170 -11.20 -6.33 7.53
C GLU B 170 -10.38 -5.89 8.74
N PHE B 171 -11.05 -5.67 9.89
CA PHE B 171 -10.42 -5.23 11.14
C PHE B 171 -10.81 -6.18 12.28
N PRO B 172 -10.37 -7.43 12.19
CA PRO B 172 -10.46 -8.33 13.34
C PRO B 172 -9.69 -7.76 14.51
N MET B 173 -10.20 -8.00 15.71
CA MET B 173 -9.50 -7.56 16.91
C MET B 173 -8.12 -8.17 17.02
N LYS B 174 -7.11 -7.36 16.85
CA LYS B 174 -5.70 -7.67 17.01
C LYS B 174 -5.01 -6.71 17.95
N TYR B 175 -5.32 -5.43 17.86
CA TYR B 175 -4.49 -4.38 18.42
C TYR B 175 -5.13 -3.59 19.55
N TYR B 176 -6.41 -3.19 19.43
CA TYR B 176 -6.97 -2.32 20.45
C TYR B 176 -6.93 -2.99 21.82
N ASP B 177 -7.67 -4.11 22.02
CA ASP B 177 -7.71 -4.52 23.42
C ASP B 177 -6.44 -5.29 23.82
N TRP B 178 -5.44 -5.29 22.94
CA TRP B 178 -4.07 -5.66 23.33
C TRP B 178 -3.31 -4.48 23.90
N ILE B 179 -3.31 -3.34 23.20
CA ILE B 179 -2.61 -2.15 23.67
C ILE B 179 -3.23 -1.62 24.95
N ARG B 180 -4.43 -2.08 25.24
CA ARG B 180 -5.01 -1.78 26.54
C ARG B 180 -4.77 -2.94 27.50
N GLY B 181 -5.28 -4.11 27.15
CA GLY B 181 -5.30 -5.21 28.12
C GLY B 181 -3.93 -5.72 28.48
N THR B 182 -3.02 -5.76 27.51
CA THR B 182 -1.75 -6.44 27.64
C THR B 182 -0.61 -5.49 27.92
N LYS B 183 -0.50 -4.41 27.15
CA LYS B 183 0.61 -3.48 27.25
C LYS B 183 0.33 -2.28 28.14
N ASN B 184 -0.95 -1.98 28.40
CA ASN B 184 -1.38 -0.98 29.37
C ASN B 184 -0.87 0.44 29.07
N ILE B 185 -0.59 0.74 27.79
CA ILE B 185 0.08 1.99 27.44
C ILE B 185 -0.67 3.20 27.99
N PHE B 186 -1.97 3.25 27.75
CA PHE B 186 -2.77 4.40 28.12
C PHE B 186 -3.70 4.09 29.27
N GLU B 187 -3.25 3.24 30.19
CA GLU B 187 -4.10 2.77 31.28
C GLU B 187 -3.72 3.39 32.62
N SER B 188 -2.88 4.42 32.57
CA SER B 188 -2.18 4.97 33.70
C SER B 188 -1.20 5.99 33.13
N THR B 189 -0.59 6.78 34.00
CA THR B 189 0.61 7.52 33.61
C THR B 189 1.85 6.70 33.74
N GLY B 190 1.71 5.40 33.98
CA GLY B 190 2.88 4.57 34.16
C GLY B 190 3.82 4.62 32.98
N HIS B 191 3.26 4.54 31.76
CA HIS B 191 4.02 4.38 30.51
C HIS B 191 4.08 5.64 29.68
N VAL B 192 3.00 6.41 29.66
CA VAL B 192 2.87 7.59 28.80
C VAL B 192 2.56 8.78 29.69
N SER B 193 3.41 9.80 29.65
CA SER B 193 3.30 10.93 30.58
C SER B 193 2.34 12.04 30.13
N GLY B 194 1.77 11.96 28.93
CA GLY B 194 0.92 13.01 28.43
C GLY B 194 0.65 12.84 26.95
N VAL B 195 -0.39 13.45 26.42
CA VAL B 195 -0.86 13.19 25.07
C VAL B 195 -1.34 14.51 24.48
N PHE B 196 -0.84 14.85 23.29
CA PHE B 196 -1.27 16.05 22.57
C PHE B 196 -2.23 15.61 21.48
N ALA B 197 -3.43 16.18 21.45
CA ALA B 197 -4.37 15.96 20.37
C ALA B 197 -4.49 17.19 19.49
N VAL B 198 -4.93 16.96 18.26
CA VAL B 198 -4.93 18.06 17.33
C VAL B 198 -6.05 19.04 17.59
N SER B 199 -7.17 18.52 18.09
CA SER B 199 -8.47 19.16 18.07
C SER B 199 -9.30 18.48 19.13
N ALA B 200 -10.31 19.18 19.64
CA ALA B 200 -11.17 18.55 20.64
C ALA B 200 -11.80 17.27 20.14
N PRO B 201 -12.21 17.18 18.88
CA PRO B 201 -12.63 15.89 18.33
C PRO B 201 -11.65 14.73 18.52
N GLN B 202 -10.37 14.90 18.18
CA GLN B 202 -9.45 13.77 18.34
C GLN B 202 -9.14 13.60 19.82
N LYS B 203 -9.06 14.71 20.57
CA LYS B 203 -8.96 14.64 22.04
C LYS B 203 -10.10 13.84 22.65
N ASN B 204 -11.29 13.91 22.06
CA ASN B 204 -12.40 13.22 22.68
C ASN B 204 -12.56 11.79 22.18
N SER B 205 -12.24 11.53 20.91
CA SER B 205 -12.18 10.15 20.45
C SER B 205 -11.15 9.38 21.27
N PHE B 206 -10.04 10.04 21.60
CA PHE B 206 -8.99 9.40 22.39
C PHE B 206 -9.50 9.03 23.78
N GLU B 207 -10.06 10.00 24.50
CA GLU B 207 -10.55 9.73 25.84
C GLU B 207 -11.61 8.63 25.82
N LYS B 208 -12.46 8.61 24.80
CA LYS B 208 -13.54 7.61 24.76
C LYS B 208 -12.94 6.21 24.64
N LEU B 209 -11.78 6.10 23.96
CA LEU B 209 -11.07 4.86 23.70
C LEU B 209 -10.15 4.44 24.86
N PHE B 210 -9.56 5.41 25.56
CA PHE B 210 -8.66 5.16 26.69
C PHE B 210 -9.24 5.92 27.88
N PRO B 211 -10.27 5.34 28.50
CA PRO B 211 -10.92 6.02 29.63
C PRO B 211 -10.16 5.93 30.94
N LEU B 212 -9.12 5.10 31.03
CA LEU B 212 -8.29 5.11 32.22
C LEU B 212 -7.11 6.08 32.10
N PHE B 213 -6.95 6.74 30.98
CA PHE B 213 -5.88 7.72 30.90
C PHE B 213 -6.38 9.03 31.50
N PRO B 214 -5.59 9.69 32.35
CA PRO B 214 -6.07 10.92 33.00
C PRO B 214 -6.42 11.98 31.99
N GLN B 215 -7.66 12.48 32.08
CA GLN B 215 -8.06 13.56 31.19
C GLN B 215 -7.12 14.74 31.31
N GLU B 216 -6.65 15.00 32.55
CA GLU B 216 -5.80 16.16 32.82
C GLU B 216 -4.52 16.15 31.99
N ARG B 217 -4.14 14.99 31.43
CA ARG B 217 -2.92 14.83 30.68
C ARG B 217 -3.17 14.65 29.18
N VAL B 218 -4.39 14.88 28.72
CA VAL B 218 -4.67 14.98 27.30
C VAL B 218 -4.87 16.43 26.96
N ALA B 219 -3.98 17.00 26.18
CA ALA B 219 -4.01 18.41 25.83
C ALA B 219 -4.15 18.61 24.33
N ILE B 220 -4.59 19.79 23.94
CA ILE B 220 -4.71 20.17 22.54
C ILE B 220 -3.41 20.86 22.19
N THR B 221 -2.76 20.45 21.11
CA THR B 221 -1.46 21.01 20.82
C THR B 221 -1.53 22.53 20.86
N PRO B 222 -0.60 23.20 21.54
CA PRO B 222 -0.53 24.66 21.45
C PRO B 222 -0.69 25.06 19.98
N CYS B 223 -1.50 26.09 19.71
CA CYS B 223 -1.86 26.46 18.35
C CYS B 223 -0.69 27.02 17.57
N GLY B 224 -0.54 26.53 16.34
CA GLY B 224 0.40 27.11 15.41
C GLY B 224 0.15 26.54 14.03
N TYR B 225 1.04 26.85 13.10
CA TYR B 225 0.93 26.21 11.82
C TYR B 225 2.31 25.87 11.31
N ASN B 226 2.30 24.98 10.32
CA ASN B 226 3.51 24.42 9.74
C ASN B 226 3.81 25.21 8.48
N GLN B 227 4.65 26.24 8.60
CA GLN B 227 4.94 27.05 7.40
C GLN B 227 5.78 26.31 6.37
N LEU B 228 6.22 25.07 6.63
CA LEU B 228 6.68 24.26 5.50
C LEU B 228 5.56 24.03 4.49
N VAL B 229 4.32 23.95 4.95
CA VAL B 229 3.16 23.70 4.11
C VAL B 229 2.45 25.00 3.72
N PHE B 230 2.37 25.94 4.64
CA PHE B 230 1.71 27.21 4.41
C PHE B 230 2.73 28.36 4.28
N HIS B 231 2.96 28.75 3.01
CA HIS B 231 3.76 29.92 2.66
C HIS B 231 3.33 30.41 1.30
N ARG B 232 3.87 31.57 0.89
CA ARG B 232 3.68 32.04 -0.49
C ARG B 232 4.16 30.96 -1.46
N ILE B 233 3.28 30.48 -2.32
CA ILE B 233 3.67 29.49 -3.32
C ILE B 233 4.11 30.23 -4.59
N GLN B 234 5.38 30.03 -4.96
CA GLN B 234 6.00 30.76 -6.07
C GLN B 234 5.35 30.44 -7.41
N GLY B 235 5.00 31.49 -8.15
CA GLY B 235 4.29 31.33 -9.40
C GLY B 235 3.10 30.38 -9.35
N MET B 236 2.23 30.59 -8.38
CA MET B 236 0.97 29.88 -8.32
C MET B 236 -0.04 30.69 -9.09
N THR B 237 -0.77 30.00 -9.98
CA THR B 237 -1.94 30.45 -10.74
C THR B 237 -3.24 30.12 -9.99
N ARG B 238 -4.28 30.90 -10.28
CA ARG B 238 -5.64 30.45 -10.04
C ARG B 238 -5.90 29.10 -10.71
N GLU B 239 -5.57 29.01 -12.02
CA GLU B 239 -5.84 27.78 -12.75
C GLU B 239 -5.14 26.60 -12.09
N LYS B 240 -3.95 26.84 -11.52
CA LYS B 240 -3.19 25.73 -10.94
C LYS B 240 -3.71 25.36 -9.57
N ALA B 241 -4.22 26.35 -8.83
CA ALA B 241 -4.51 26.25 -7.41
C ALA B 241 -5.81 25.51 -7.16
N PHE B 242 -6.85 25.93 -7.88
CA PHE B 242 -8.20 25.38 -7.75
C PHE B 242 -8.95 25.28 -9.08
N GLY B 243 -8.28 25.50 -10.22
CA GLY B 243 -8.93 25.40 -11.51
C GLY B 243 -9.25 23.98 -11.93
N HIS B 244 -8.63 22.98 -11.31
CA HIS B 244 -8.86 21.58 -11.62
C HIS B 244 -9.53 20.88 -10.45
N MET B 245 -10.21 21.66 -9.63
CA MET B 245 -10.90 21.13 -8.47
C MET B 245 -12.36 21.00 -8.84
N PRO B 246 -12.91 19.79 -8.75
CA PRO B 246 -14.34 19.61 -9.02
C PRO B 246 -15.23 20.18 -7.92
N GLN B 247 -16.46 20.52 -8.33
CA GLN B 247 -17.46 21.00 -7.38
C GLN B 247 -17.98 19.86 -6.52
N ALA B 248 -18.02 20.09 -5.22
CA ALA B 248 -18.59 19.16 -4.27
C ALA B 248 -19.88 19.79 -3.76
N LEU B 249 -21.02 19.31 -4.28
CA LEU B 249 -22.32 19.76 -3.79
C LEU B 249 -22.86 18.74 -2.79
N TYR B 250 -24.00 18.12 -3.11
CA TYR B 250 -24.57 17.03 -2.32
C TYR B 250 -25.23 16.02 -3.26
N ASP B 251 -25.18 14.73 -2.87
CA ASP B 251 -25.85 13.66 -3.58
C ASP B 251 -27.33 13.98 -3.76
N GLY B 252 -27.77 14.09 -4.99
CA GLY B 252 -29.16 14.42 -5.25
C GLY B 252 -29.40 15.87 -5.58
N PHE B 253 -28.35 16.65 -5.69
CA PHE B 253 -28.47 18.00 -6.21
C PHE B 253 -29.20 17.94 -7.56
N ASP B 254 -30.30 18.68 -7.65
CA ASP B 254 -31.00 18.87 -8.91
C ASP B 254 -30.48 20.12 -9.61
N ALA B 255 -29.61 19.93 -10.61
CA ALA B 255 -29.07 21.10 -11.29
C ALA B 255 -30.12 21.79 -12.15
N THR B 256 -31.36 21.30 -12.13
CA THR B 256 -32.43 21.84 -12.97
C THR B 256 -33.31 22.85 -12.23
N GLN B 257 -33.16 22.98 -10.91
CA GLN B 257 -33.71 24.14 -10.21
C GLN B 257 -32.89 25.38 -10.52
N LEU B 258 -31.60 25.20 -10.82
CA LEU B 258 -30.75 26.34 -11.16
C LEU B 258 -31.32 27.07 -12.36
N SER B 259 -31.33 28.40 -12.29
CA SER B 259 -31.78 29.25 -13.40
C SER B 259 -30.68 29.30 -14.44
N PRO B 260 -30.92 29.99 -15.57
CA PRO B 260 -29.89 30.00 -16.62
C PRO B 260 -28.59 30.67 -16.20
N VAL B 261 -28.65 31.78 -15.46
CA VAL B 261 -27.44 32.49 -15.07
C VAL B 261 -26.53 31.64 -14.20
N GLN B 262 -27.10 30.64 -13.50
CA GLN B 262 -26.29 29.79 -12.63
C GLN B 262 -26.01 28.42 -13.23
N ARG B 263 -25.76 28.35 -14.55
CA ARG B 263 -25.37 27.09 -15.18
C ARG B 263 -23.87 26.87 -15.08
N HIS B 264 -23.13 27.89 -14.66
CA HIS B 264 -21.78 27.65 -14.17
C HIS B 264 -21.78 26.49 -13.17
N VAL B 265 -22.81 26.42 -12.32
CA VAL B 265 -22.89 25.47 -11.22
C VAL B 265 -23.26 24.11 -11.75
N ALA B 266 -22.63 23.08 -11.17
CA ALA B 266 -22.87 21.73 -11.65
C ALA B 266 -22.07 20.72 -10.88
N SER B 267 -22.73 19.68 -10.38
CA SER B 267 -22.04 18.73 -9.53
C SER B 267 -20.86 18.10 -10.26
N ASP B 268 -19.74 18.00 -9.56
CA ASP B 268 -18.55 17.29 -10.03
C ASP B 268 -17.92 17.95 -11.27
N GLN B 269 -17.95 19.28 -11.34
CA GLN B 269 -17.49 20.03 -12.50
C GLN B 269 -16.68 21.24 -12.08
N CYS B 270 -15.52 21.41 -12.68
CA CYS B 270 -14.63 22.51 -12.34
C CYS B 270 -15.29 23.87 -12.58
N ILE B 271 -14.74 24.87 -11.95
CA ILE B 271 -15.16 26.23 -12.23
C ILE B 271 -14.68 26.59 -13.63
N PRO B 272 -15.59 26.99 -14.53
CA PRO B 272 -15.16 27.58 -15.81
C PRO B 272 -14.29 28.83 -15.69
N ASP B 273 -13.41 29.00 -16.69
CA ASP B 273 -12.44 30.09 -16.80
C ASP B 273 -12.26 30.84 -15.48
N VAL B 274 -11.46 30.28 -14.59
CA VAL B 274 -11.28 30.93 -13.31
C VAL B 274 -10.65 32.29 -13.49
N ASN B 275 -9.96 32.55 -14.60
CA ASN B 275 -9.32 33.86 -14.78
C ASN B 275 -10.32 34.93 -15.18
N ALA B 276 -11.59 34.57 -15.37
CA ALA B 276 -12.58 35.56 -15.81
C ALA B 276 -12.92 36.54 -14.70
N TYR B 277 -12.75 36.12 -13.46
CA TYR B 277 -13.24 36.85 -12.31
C TYR B 277 -12.25 37.95 -11.95
N ASP B 278 -12.77 38.98 -11.30
CA ASP B 278 -11.92 40.11 -10.97
C ASP B 278 -11.14 39.90 -9.67
N ARG B 279 -11.68 39.15 -8.71
CA ARG B 279 -11.08 38.98 -7.38
C ARG B 279 -11.57 37.66 -6.78
N VAL B 280 -10.79 37.10 -5.84
CA VAL B 280 -11.15 35.81 -5.24
C VAL B 280 -11.28 35.94 -3.74
N VAL B 281 -12.38 35.43 -3.19
CA VAL B 281 -12.68 35.44 -1.76
C VAL B 281 -12.76 34.00 -1.30
N VAL B 282 -12.01 33.65 -0.26
CA VAL B 282 -12.00 32.26 0.19
C VAL B 282 -12.59 32.14 1.58
N PHE B 283 -13.37 31.07 1.75
CA PHE B 283 -13.83 30.61 3.05
C PHE B 283 -13.31 29.18 3.21
N CYS B 284 -12.99 28.80 4.44
CA CYS B 284 -12.53 27.44 4.66
C CYS B 284 -12.88 27.01 6.07
N GLY B 285 -13.53 25.85 6.17
CA GLY B 285 -13.81 25.29 7.48
C GLY B 285 -14.92 24.27 7.46
N ARG B 286 -14.89 23.35 8.42
CA ARG B 286 -15.88 22.28 8.46
C ARG B 286 -17.26 22.91 8.63
N PHE B 287 -18.27 22.29 8.02
CA PHE B 287 -19.54 22.98 7.84
C PHE B 287 -20.43 23.02 9.08
N ALA B 288 -19.86 23.42 10.22
CA ALA B 288 -20.60 23.58 11.47
C ALA B 288 -21.42 24.88 11.53
N HIS B 289 -22.43 24.86 12.40
CA HIS B 289 -23.34 26.00 12.50
C HIS B 289 -22.61 27.29 12.89
N TRP B 290 -21.58 27.17 13.71
CA TRP B 290 -20.99 28.37 14.26
C TRP B 290 -19.88 28.98 13.41
N LYS B 291 -19.46 28.34 12.31
CA LYS B 291 -18.53 29.00 11.39
C LYS B 291 -19.25 30.13 10.65
N ARG B 292 -20.59 30.08 10.66
CA ARG B 292 -21.49 31.09 10.12
C ARG B 292 -21.38 31.19 8.60
N ILE B 293 -21.24 30.04 7.94
CA ILE B 293 -21.25 30.01 6.48
C ILE B 293 -22.43 30.79 5.90
N ASP B 294 -23.60 30.65 6.50
CA ASP B 294 -24.75 31.43 6.04
C ASP B 294 -24.42 32.92 5.94
N SER B 295 -23.65 33.45 6.91
CA SER B 295 -23.26 34.86 6.84
C SER B 295 -22.38 35.12 5.62
N VAL B 296 -21.50 34.18 5.27
CA VAL B 296 -20.68 34.36 4.09
C VAL B 296 -21.57 34.38 2.84
N LEU B 297 -22.45 33.37 2.70
CA LEU B 297 -23.36 33.30 1.56
C LEU B 297 -24.26 34.52 1.43
N LYS B 298 -24.87 34.95 2.53
CA LYS B 298 -25.72 36.13 2.47
C LYS B 298 -24.93 37.36 2.06
N ALA B 299 -23.68 37.49 2.51
CA ALA B 299 -22.81 38.59 2.08
C ALA B 299 -22.58 38.56 0.57
N ALA B 300 -22.37 37.38 0.02
CA ALA B 300 -22.12 37.25 -1.40
C ALA B 300 -23.39 37.43 -2.24
N SER B 301 -24.57 37.16 -1.65
CA SER B 301 -25.82 37.50 -2.34
C SER B 301 -25.89 39.00 -2.59
N ARG B 302 -25.28 39.80 -1.72
CA ARG B 302 -25.35 41.24 -1.85
C ARG B 302 -24.33 41.77 -2.84
N TRP B 303 -23.13 41.16 -2.92
CA TRP B 303 -22.10 41.71 -3.80
C TRP B 303 -22.18 41.18 -5.22
N GLU B 304 -22.77 39.98 -5.43
CA GLU B 304 -22.89 39.47 -6.79
C GLU B 304 -23.84 40.35 -7.59
N LYS B 305 -24.72 41.07 -6.89
CA LYS B 305 -25.68 41.96 -7.51
C LYS B 305 -25.02 43.19 -8.08
N GLU B 306 -23.76 43.46 -7.70
CA GLU B 306 -23.06 44.68 -8.11
C GLU B 306 -22.15 44.45 -9.29
N ASP B 307 -22.22 43.27 -9.91
CA ASP B 307 -21.47 42.93 -11.12
C ASP B 307 -20.06 43.51 -11.14
N LYS B 308 -19.43 43.50 -9.97
CA LYS B 308 -18.00 43.35 -9.81
C LYS B 308 -17.80 41.85 -9.72
N ARG B 309 -16.94 41.31 -10.59
CA ARG B 309 -16.89 39.86 -10.83
C ARG B 309 -16.15 39.18 -9.68
N ILE B 310 -16.86 38.88 -8.58
CA ILE B 310 -16.20 38.35 -7.39
C ILE B 310 -16.46 36.85 -7.27
N LEU B 311 -15.38 36.10 -7.41
CA LEU B 311 -15.38 34.67 -7.16
C LEU B 311 -15.28 34.39 -5.67
N THR B 312 -15.97 33.33 -5.24
CA THR B 312 -16.18 33.01 -3.83
C THR B 312 -16.09 31.50 -3.73
N LEU B 313 -15.11 30.99 -2.99
CA LEU B 313 -14.89 29.55 -2.89
C LEU B 313 -15.19 29.08 -1.48
N ILE B 314 -15.89 27.93 -1.36
CA ILE B 314 -16.32 27.41 -0.06
C ILE B 314 -15.68 26.04 0.15
N PHE B 315 -14.46 26.07 0.68
CA PHE B 315 -13.75 24.85 1.08
C PHE B 315 -14.20 24.41 2.47
N GLY B 316 -14.01 23.13 2.75
CA GLY B 316 -14.49 22.51 3.96
C GLY B 316 -15.44 21.36 3.65
N ALA B 317 -15.56 20.44 4.61
CA ALA B 317 -16.37 19.24 4.46
C ALA B 317 -17.56 19.28 5.41
N GLY B 318 -18.66 18.70 4.99
CA GLY B 318 -19.81 18.63 5.87
C GLY B 318 -20.65 17.39 5.64
N SER B 319 -21.34 16.97 6.70
CA SER B 319 -22.34 15.91 6.58
C SER B 319 -23.30 16.24 5.43
N GLN B 320 -23.82 15.19 4.80
CA GLN B 320 -24.66 15.38 3.61
C GLN B 320 -25.83 16.31 3.89
N GLU B 321 -26.40 16.19 5.10
CA GLU B 321 -27.55 17.01 5.51
C GLU B 321 -27.18 18.49 5.47
N THR B 322 -26.07 18.82 6.09
CA THR B 322 -25.64 20.19 6.23
C THR B 322 -24.97 20.73 4.97
N ARG B 323 -24.58 19.86 4.03
CA ARG B 323 -24.12 20.38 2.75
C ARG B 323 -25.29 20.81 1.88
N LYS B 324 -26.37 20.00 1.84
CA LYS B 324 -27.57 20.41 1.11
C LYS B 324 -28.09 21.72 1.67
N LEU B 325 -28.10 21.83 3.01
CA LEU B 325 -28.46 23.09 3.64
C LEU B 325 -27.81 24.29 2.95
N TYR B 326 -26.46 24.32 2.92
CA TYR B 326 -25.77 25.52 2.48
C TYR B 326 -25.73 25.64 0.97
N VAL B 327 -25.71 24.50 0.27
CA VAL B 327 -25.75 24.53 -1.20
C VAL B 327 -27.08 25.13 -1.67
N ASP B 328 -28.19 24.64 -1.09
CA ASP B 328 -29.52 25.13 -1.47
C ASP B 328 -29.73 26.54 -0.94
N MET B 329 -29.31 26.82 0.28
CA MET B 329 -29.30 28.22 0.73
C MET B 329 -28.65 29.13 -0.34
N ALA B 330 -27.52 28.69 -0.92
CA ALA B 330 -26.73 29.60 -1.73
C ALA B 330 -27.39 29.84 -3.09
N TYR B 331 -27.79 28.76 -3.76
CA TYR B 331 -28.23 28.80 -5.16
C TYR B 331 -29.72 28.97 -5.31
N GLN B 332 -30.52 28.25 -4.50
CA GLN B 332 -31.98 28.43 -4.49
C GLN B 332 -32.38 29.73 -3.79
N THR B 333 -32.04 29.87 -2.50
CA THR B 333 -32.54 31.02 -1.74
C THR B 333 -31.89 32.38 -2.12
N LEU B 334 -30.64 32.42 -2.53
CA LEU B 334 -29.98 33.71 -2.70
C LEU B 334 -29.63 34.04 -4.15
N GLY B 335 -29.65 33.06 -5.05
CA GLY B 335 -29.37 33.31 -6.43
C GLY B 335 -27.91 33.39 -6.76
N LEU B 336 -27.06 32.82 -5.92
CA LEU B 336 -25.64 32.89 -6.17
C LEU B 336 -25.28 32.20 -7.49
N LYS B 337 -24.55 32.96 -8.34
CA LYS B 337 -24.06 32.54 -9.63
C LYS B 337 -22.55 32.49 -9.71
N ASP B 338 -21.85 33.13 -8.75
CA ASP B 338 -20.40 33.24 -8.74
C ASP B 338 -19.77 32.68 -7.45
N THR B 339 -20.38 31.65 -6.86
CA THR B 339 -19.98 31.12 -5.58
C THR B 339 -20.01 29.61 -5.67
N PHE B 340 -18.86 28.95 -5.45
CA PHE B 340 -18.74 27.52 -5.71
C PHE B 340 -18.27 26.78 -4.46
N PHE B 341 -18.78 25.56 -4.30
CA PHE B 341 -18.37 24.68 -3.22
C PHE B 341 -17.42 23.65 -3.82
N LEU B 342 -16.15 23.66 -3.39
CA LEU B 342 -15.17 22.69 -3.86
C LEU B 342 -14.86 21.65 -2.80
N GLY B 343 -15.67 21.58 -1.74
CA GLY B 343 -15.54 20.52 -0.77
C GLY B 343 -14.30 20.71 0.06
N PRO B 344 -13.82 19.63 0.68
CA PRO B 344 -12.56 19.70 1.44
C PRO B 344 -11.33 19.51 0.59
N GLN B 345 -10.18 19.84 1.19
CA GLN B 345 -8.92 19.93 0.44
C GLN B 345 -7.72 19.76 1.38
N SER B 346 -6.59 19.41 0.79
CA SER B 346 -5.39 19.21 1.60
C SER B 346 -4.80 20.55 2.03
N GLN B 347 -3.99 20.51 3.04
CA GLN B 347 -3.45 21.79 3.48
C GLN B 347 -2.53 22.34 2.41
N PRO B 348 -1.74 21.50 1.74
CA PRO B 348 -0.91 22.02 0.65
C PRO B 348 -1.71 22.63 -0.49
N ASP B 349 -2.84 22.00 -0.87
CA ASP B 349 -3.71 22.58 -1.89
C ASP B 349 -4.31 23.88 -1.40
N LEU B 350 -4.71 23.94 -0.12
CA LEU B 350 -5.20 25.19 0.45
C LEU B 350 -4.13 26.28 0.45
N ALA B 351 -2.85 25.91 0.56
CA ALA B 351 -1.79 26.92 0.45
C ALA B 351 -1.72 27.52 -0.95
N ASN B 352 -1.90 26.71 -2.00
CA ASN B 352 -1.99 27.25 -3.35
C ASN B 352 -3.10 28.29 -3.44
N VAL B 353 -4.27 27.94 -2.89
CA VAL B 353 -5.47 28.78 -2.99
C VAL B 353 -5.28 30.09 -2.23
N TYR B 354 -4.92 30.00 -0.94
CA TYR B 354 -4.64 31.21 -0.18
C TYR B 354 -3.59 32.08 -0.87
N THR B 355 -2.61 31.43 -1.54
CA THR B 355 -1.56 32.18 -2.25
C THR B 355 -2.16 33.11 -3.29
N VAL B 356 -3.22 32.68 -3.98
CA VAL B 356 -3.82 33.50 -5.03
C VAL B 356 -5.12 34.14 -4.62
N ALA B 357 -5.55 33.96 -3.38
CA ALA B 357 -6.75 34.62 -2.89
C ALA B 357 -6.49 36.10 -2.58
N ASP B 358 -7.54 36.92 -2.70
CA ASP B 358 -7.47 38.32 -2.29
C ASP B 358 -7.77 38.53 -0.81
N VAL B 359 -8.63 37.71 -0.22
CA VAL B 359 -8.99 37.82 1.18
C VAL B 359 -9.78 36.58 1.60
N SER B 360 -9.57 36.09 2.82
CA SER B 360 -10.38 35.02 3.36
C SER B 360 -11.35 35.56 4.41
N VAL B 361 -12.52 34.93 4.51
CA VAL B 361 -13.50 35.24 5.54
C VAL B 361 -13.75 33.98 6.38
N PHE B 362 -13.60 34.11 7.67
CA PHE B 362 -13.91 33.06 8.63
C PHE B 362 -14.71 33.71 9.76
N PRO B 363 -15.94 34.07 9.51
CA PRO B 363 -16.72 34.81 10.51
C PRO B 363 -17.22 33.96 11.68
N SER B 364 -16.38 33.06 12.17
CA SER B 364 -16.83 32.11 13.19
C SER B 364 -17.24 32.84 14.46
N HIS B 365 -18.40 32.46 14.98
CA HIS B 365 -18.83 32.84 16.31
C HIS B 365 -18.04 32.06 17.35
N ASP B 366 -17.23 32.77 18.12
CA ASP B 366 -16.53 32.15 19.24
C ASP B 366 -15.59 31.07 18.73
N GLU B 367 -14.88 31.35 17.64
CA GLU B 367 -13.83 30.44 17.22
C GLU B 367 -12.85 30.25 18.37
N PRO B 368 -12.71 29.05 18.94
CA PRO B 368 -11.74 28.86 20.02
C PRO B 368 -10.32 29.36 19.72
N PHE B 369 -9.79 29.03 18.56
CA PHE B 369 -8.63 29.76 18.05
C PHE B 369 -8.77 29.98 16.55
N GLY B 370 -9.00 28.92 15.78
CA GLY B 370 -9.10 29.11 14.34
C GLY B 370 -7.76 29.04 13.65
N LEU B 371 -7.35 27.82 13.32
CA LEU B 371 -6.04 27.64 12.70
C LEU B 371 -6.03 28.31 11.32
N VAL B 372 -7.16 28.29 10.62
CA VAL B 372 -7.18 28.77 9.24
C VAL B 372 -6.66 30.20 9.16
N PHE B 373 -6.97 31.02 10.19
CA PHE B 373 -6.56 32.42 10.19
C PHE B 373 -5.06 32.54 9.97
N ILE B 374 -4.28 31.76 10.73
CA ILE B 374 -2.82 31.89 10.64
C ILE B 374 -2.27 31.12 9.46
N GLU B 375 -2.85 29.96 9.16
CA GLU B 375 -2.48 29.26 7.93
C GLU B 375 -2.74 30.12 6.70
N CYS B 376 -3.79 30.95 6.69
CA CYS B 376 -3.99 31.84 5.55
C CYS B 376 -2.94 32.94 5.59
N MET B 377 -2.91 33.70 6.69
CA MET B 377 -1.94 34.80 6.82
C MET B 377 -0.52 34.34 6.48
N GLY B 378 -0.18 33.09 6.78
CA GLY B 378 1.17 32.65 6.53
C GLY B 378 1.53 32.50 5.08
N CYS B 379 0.54 32.69 4.18
CA CYS B 379 0.70 32.63 2.73
C CYS B 379 0.60 34.02 2.08
N GLY B 380 0.38 35.06 2.86
CA GLY B 380 0.43 36.41 2.38
C GLY B 380 -0.91 37.01 2.10
N THR B 381 -1.94 36.58 2.81
CA THR B 381 -3.33 36.92 2.54
C THR B 381 -4.06 37.39 3.80
N PRO B 382 -4.76 38.53 3.72
CA PRO B 382 -5.45 39.04 4.90
C PRO B 382 -6.72 38.27 5.23
N VAL B 383 -7.06 38.28 6.50
CA VAL B 383 -8.21 37.52 6.99
C VAL B 383 -9.27 38.47 7.54
N ILE B 384 -10.53 38.07 7.37
CA ILE B 384 -11.67 38.75 7.97
C ILE B 384 -12.37 37.75 8.90
N GLY B 385 -12.56 38.15 10.15
CA GLY B 385 -13.16 37.29 11.17
C GLY B 385 -14.16 38.10 11.98
N ALA B 386 -14.53 37.67 13.18
CA ALA B 386 -15.54 38.36 13.98
C ALA B 386 -14.98 38.59 15.37
N LYS B 387 -15.57 39.54 16.12
CA LYS B 387 -15.02 39.97 17.41
C LYS B 387 -15.50 39.05 18.55
N SER B 388 -15.11 37.81 18.37
CA SER B 388 -15.49 36.74 19.29
C SER B 388 -14.51 35.61 18.98
N GLY B 389 -13.76 35.22 19.99
CA GLY B 389 -12.95 34.05 19.94
C GLY B 389 -11.50 34.39 20.05
N GLY B 390 -10.68 33.33 19.99
CA GLY B 390 -9.27 33.49 19.90
C GLY B 390 -8.90 34.62 18.98
N PRO B 391 -9.58 34.71 17.82
CA PRO B 391 -9.14 35.71 16.83
C PRO B 391 -9.17 37.11 17.35
N LEU B 392 -9.88 37.37 18.46
CA LEU B 392 -9.79 38.70 19.07
C LEU B 392 -8.36 39.05 19.38
N ASP B 393 -7.60 38.06 19.86
CA ASP B 393 -6.29 38.28 20.42
C ASP B 393 -5.18 38.28 19.39
N PHE B 394 -5.44 37.82 18.14
CA PHE B 394 -4.40 37.85 17.14
C PHE B 394 -4.77 38.44 15.79
N VAL B 395 -6.01 38.82 15.54
CA VAL B 395 -6.35 39.50 14.31
C VAL B 395 -6.51 40.97 14.61
N ASN B 396 -5.88 41.81 13.81
CA ASN B 396 -5.96 43.26 13.97
C ASN B 396 -5.99 43.94 12.61
N ASP B 397 -6.11 45.28 12.62
CA ASP B 397 -6.34 46.06 11.41
C ASP B 397 -5.15 45.96 10.45
N GLU B 398 -4.00 45.52 10.94
CA GLU B 398 -2.84 45.43 10.07
C GLU B 398 -2.80 44.15 9.28
N VAL B 399 -3.66 43.19 9.60
CA VAL B 399 -3.66 41.91 8.91
C VAL B 399 -5.06 41.58 8.42
N GLY B 400 -5.98 42.53 8.56
CA GLY B 400 -7.32 42.34 8.08
C GLY B 400 -8.33 43.01 8.96
N ALA B 401 -9.20 42.22 9.57
CA ALA B 401 -10.38 42.85 10.15
C ALA B 401 -11.21 41.82 10.92
N LEU B 402 -11.84 42.29 12.00
CA LEU B 402 -12.83 41.49 12.73
C LEU B 402 -14.14 42.26 12.78
N VAL B 403 -15.24 41.66 12.26
CA VAL B 403 -16.52 42.35 12.14
C VAL B 403 -17.20 42.41 13.51
N ASP B 404 -18.03 43.44 13.73
CA ASP B 404 -18.82 43.53 14.95
C ASP B 404 -19.86 42.40 15.02
N GLU B 405 -20.16 41.94 16.23
CA GLU B 405 -20.92 40.71 16.39
C GLU B 405 -22.43 40.98 16.39
N GLY B 406 -23.20 39.93 16.04
CA GLY B 406 -24.65 40.10 15.83
C GLY B 406 -25.37 38.85 15.33
N THR B 407 -26.69 39.04 15.05
CA THR B 407 -27.49 38.10 14.24
C THR B 407 -26.63 37.64 13.06
N ASN B 408 -26.71 36.36 12.71
CA ASN B 408 -25.97 35.94 11.53
C ASN B 408 -26.24 36.90 10.39
N ASP B 409 -27.48 37.36 10.26
CA ASP B 409 -27.82 38.40 9.30
C ASP B 409 -26.96 39.65 9.47
N GLU B 410 -26.94 40.22 10.68
CA GLU B 410 -26.05 41.36 10.96
C GLU B 410 -24.61 41.06 10.50
N VAL B 411 -24.04 39.95 10.96
CA VAL B 411 -22.65 39.63 10.63
C VAL B 411 -22.46 39.52 9.12
N ALA B 412 -23.47 39.00 8.40
CA ALA B 412 -23.37 38.88 6.94
C ALA B 412 -23.26 40.25 6.26
N GLU B 413 -24.06 41.23 6.71
CA GLU B 413 -23.93 42.58 6.19
C GLU B 413 -22.54 43.12 6.46
N ARG B 414 -22.04 42.94 7.70
CA ARG B 414 -20.71 43.47 8.03
C ARG B 414 -19.59 42.75 7.27
N VAL B 415 -19.74 41.43 7.00
CA VAL B 415 -18.77 40.72 6.16
C VAL B 415 -18.77 41.29 4.75
N TYR B 416 -19.96 41.49 4.19
CA TYR B 416 -20.01 42.09 2.85
C TYR B 416 -19.25 43.41 2.88
N ALA B 417 -19.48 44.21 3.90
CA ALA B 417 -18.88 45.53 3.94
C ALA B 417 -17.36 45.46 4.02
N ALA B 418 -16.85 44.49 4.78
CA ALA B 418 -15.40 44.27 4.91
C ALA B 418 -14.80 43.77 3.59
N VAL B 419 -15.35 42.67 3.05
CA VAL B 419 -14.87 42.14 1.78
C VAL B 419 -14.87 43.25 0.72
N LYS B 420 -15.87 44.12 0.78
CA LYS B 420 -15.93 45.20 -0.19
C LYS B 420 -14.83 46.21 0.09
N GLN B 421 -14.57 46.53 1.35
CA GLN B 421 -13.47 47.44 1.68
C GLN B 421 -12.13 46.80 1.35
N ALA B 422 -12.01 45.48 1.51
CA ALA B 422 -10.73 44.85 1.32
C ALA B 422 -10.35 44.93 -0.13
N LEU B 423 -11.33 44.68 -1.01
CA LEU B 423 -11.07 44.63 -2.44
C LEU B 423 -10.87 46.03 -2.99
N ALA B 424 -11.75 46.95 -2.56
CA ALA B 424 -11.59 48.37 -2.83
C ALA B 424 -10.18 48.84 -2.59
N GLU B 425 -9.62 48.45 -1.43
CA GLU B 425 -8.33 48.93 -0.95
C GLU B 425 -7.18 47.93 -1.15
N ASP B 426 -7.41 46.82 -1.85
CA ASP B 426 -6.39 45.80 -2.09
C ASP B 426 -5.60 45.44 -0.82
N TRP B 427 -6.33 44.98 0.20
CA TRP B 427 -5.68 44.46 1.39
C TRP B 427 -4.64 43.41 1.07
N LYS B 428 -4.89 42.60 0.05
CA LYS B 428 -3.88 41.62 -0.30
C LYS B 428 -2.55 42.29 -0.63
N LYS B 429 -2.58 43.46 -1.26
CA LYS B 429 -1.32 44.11 -1.58
C LYS B 429 -0.78 44.93 -0.40
N THR B 430 -1.65 45.63 0.31
CA THR B 430 -1.23 46.52 1.38
C THR B 430 -1.04 45.86 2.74
N LYS B 431 -1.57 44.64 2.96
CA LYS B 431 -1.32 43.88 4.18
C LYS B 431 -0.67 42.54 3.91
N GLY B 432 -0.60 42.10 2.67
CA GLY B 432 -0.26 40.72 2.38
C GLY B 432 1.09 40.33 2.91
N ALA B 433 2.09 41.15 2.64
CA ALA B 433 3.43 40.86 3.13
C ALA B 433 3.46 40.94 4.65
N GLN B 434 2.78 41.92 5.21
CA GLN B 434 2.73 42.02 6.67
C GLN B 434 2.05 40.80 7.27
N CYS B 435 0.98 40.29 6.65
CA CYS B 435 0.35 39.07 7.11
C CYS B 435 1.35 37.90 7.12
N GLU B 436 2.17 37.81 6.07
CA GLU B 436 3.11 36.69 5.98
C GLU B 436 4.10 36.73 7.13
N GLN B 437 4.72 37.90 7.38
CA GLN B 437 5.78 37.93 8.39
C GLN B 437 5.19 37.81 9.79
N TYR B 438 3.98 38.31 9.96
CA TYR B 438 3.34 38.21 11.26
C TYR B 438 3.12 36.75 11.62
N ALA B 439 2.42 36.03 10.76
CA ALA B 439 2.16 34.62 11.03
C ALA B 439 3.43 33.86 11.28
N LEU B 440 4.38 33.98 10.36
CA LEU B 440 5.64 33.26 10.40
C LEU B 440 6.38 33.45 11.72
N LYS B 441 6.51 34.72 12.13
CA LYS B 441 7.18 35.10 13.37
C LYS B 441 6.47 34.58 14.61
N LYS B 442 5.20 34.88 14.75
CA LYS B 442 4.49 34.60 15.96
C LYS B 442 3.78 33.25 15.99
N PHE B 443 3.61 32.53 14.88
CA PHE B 443 2.81 31.31 14.96
C PHE B 443 3.32 30.12 14.17
N SER B 444 4.47 30.24 13.51
CA SER B 444 4.99 29.12 12.75
C SER B 444 5.48 28.04 13.72
N LEU B 445 6.04 26.96 13.16
CA LEU B 445 6.40 25.81 13.99
C LEU B 445 7.29 26.18 15.18
N ALA B 446 8.18 27.16 15.03
CA ALA B 446 9.14 27.41 16.11
C ALA B 446 8.51 28.03 17.33
N SER B 447 7.50 28.90 17.16
CA SER B 447 6.74 29.34 18.32
C SER B 447 5.93 28.19 18.92
N GLN B 448 5.31 27.38 18.07
CA GLN B 448 4.57 26.26 18.59
C GLN B 448 5.49 25.41 19.46
N ALA B 449 6.72 25.18 19.00
CA ALA B 449 7.62 24.31 19.75
C ALA B 449 7.87 24.87 21.14
N GLU B 450 8.31 26.13 21.22
CA GLU B 450 8.51 26.75 22.51
C GLU B 450 7.29 26.58 23.43
N LEU B 451 6.10 26.89 22.92
CA LEU B 451 4.90 26.64 23.73
C LEU B 451 4.76 25.18 24.08
N MET B 452 4.93 24.29 23.11
CA MET B 452 4.75 22.89 23.40
C MET B 452 5.67 22.44 24.53
N LEU B 453 6.98 22.71 24.41
CA LEU B 453 7.96 22.35 25.44
C LEU B 453 7.59 22.89 26.83
N GLU B 454 7.21 24.18 26.89
CA GLU B 454 6.66 24.75 28.12
C GLU B 454 5.50 23.94 28.64
N PHE B 455 4.57 23.60 27.75
CA PHE B 455 3.42 22.86 28.24
C PHE B 455 3.87 21.52 28.81
N VAL B 456 4.77 20.84 28.10
CA VAL B 456 5.25 19.55 28.57
C VAL B 456 5.86 19.70 29.96
N GLU B 457 6.68 20.76 30.16
CA GLU B 457 7.35 20.96 31.44
C GLU B 457 6.36 21.26 32.56
N SER B 458 5.32 22.06 32.31
CA SER B 458 4.35 22.37 33.33
C SER B 458 3.31 21.29 33.56
N HIS B 459 3.26 20.25 32.75
CA HIS B 459 2.12 19.35 32.88
C HIS B 459 2.46 17.88 32.71
N PHE B 460 3.44 17.54 31.93
CA PHE B 460 3.64 16.17 31.59
C PHE B 460 4.91 15.63 32.24
N THR B 461 5.67 16.49 32.88
CA THR B 461 6.92 16.05 33.43
C THR B 461 6.73 15.39 34.80
N LYS B 462 5.54 15.49 35.39
CA LYS B 462 5.27 15.12 36.79
C LYS B 462 3.92 15.75 37.20
CA CA C . 16.10 -18.15 -11.85
N1 UDP D . 0.78 -24.33 -7.10
C2 UDP D . 0.92 -25.12 -8.23
N3 UDP D . 0.60 -26.44 -8.03
C4 UDP D . 0.17 -27.00 -6.84
C5 UDP D . 0.06 -26.12 -5.75
C6 UDP D . 0.35 -24.83 -5.90
O2 UDP D . 1.29 -24.70 -9.31
O4 UDP D . -0.08 -28.22 -6.80
C1' UDP D . 1.09 -22.91 -7.22
C2' UDP D . -0.15 -22.03 -7.06
O2' UDP D . -0.97 -22.16 -8.21
C3' UDP D . 0.54 -20.69 -6.76
C4' UDP D . 1.81 -21.09 -6.01
O4' UDP D . 1.92 -22.53 -6.15
O3' UDP D . 0.94 -20.02 -7.94
C5' UDP D . 1.96 -20.68 -4.56
O5' UDP D . 0.83 -21.01 -3.73
PA UDP D . 1.02 -21.84 -2.38
O1A UDP D . -0.29 -21.84 -1.68
O2A UDP D . 1.67 -23.21 -2.66
O3A UDP D . 2.10 -20.98 -1.52
PB UDP D . 2.23 -19.42 -1.33
O1B UDP D . 2.22 -19.27 0.19
O2B UDP D . 0.82 -18.82 -2.01
O3B UDP D . 3.55 -18.89 -1.87
CA CA E . -3.24 8.27 16.39
N1 UDP F . -8.57 22.10 7.20
C2 UDP F . -8.02 21.35 6.18
N3 UDP F . -8.77 21.27 5.04
C4 UDP F . -10.00 21.87 4.82
C5 UDP F . -10.50 22.64 5.92
C6 UDP F . -9.78 22.72 7.06
O2 UDP F . -6.94 20.80 6.28
O4 UDP F . -10.58 21.70 3.72
C1' UDP F . -7.80 22.22 8.41
C2' UDP F . -6.99 23.51 8.48
O2' UDP F . -5.81 23.44 7.70
C3' UDP F . -6.74 23.61 10.00
C4' UDP F . -7.86 22.74 10.61
O4' UDP F . -8.67 22.32 9.50
O3' UDP F . -5.43 23.14 10.30
C5' UDP F . -8.72 23.37 11.68
O5' UDP F . -9.49 24.43 11.09
PA UDP F . -11.04 24.59 11.36
O1A UDP F . -11.17 25.92 12.02
O2A UDP F . -11.87 24.26 10.09
O3A UDP F . -11.42 23.43 12.37
PB UDP F . -11.30 23.94 13.84
O1B UDP F . -11.09 22.65 14.63
O2B UDP F . -12.77 24.37 14.15
O3B UDP F . -10.06 25.05 13.96
#